data_6GZB
#
_entry.id   6GZB
#
_cell.length_a   90.360
_cell.length_b   103.940
_cell.length_c   162.490
_cell.angle_alpha   90.00
_cell.angle_beta   90.00
_cell.angle_gamma   90.00
#
_symmetry.space_group_name_H-M   'P 21 21 21'
#
loop_
_entity.id
_entity.type
_entity.pdbx_description
1 polymer 'Spore germination protein GerM'
2 non-polymer 'ACETATE ION'
3 non-polymer 1,2-ETHANEDIOL
4 water water
#
_entity_poly.entity_id   1
_entity_poly.type   'polypeptide(L)'
_entity_poly.pdbx_seq_one_letter_code
;FQSDKAAEEIDPPQDVTFVNDEAGANSNTTAAKKTESEKSDTAKADQASSTVMRELYLIDKNGYVVAQTLPLPKSESTAK
QALEYLVQGGPVSEILPNGFRAVLPADTTVNVDIKKDGTAIADFSNEFKNYKKEDEQKIVQSVTWTLTQFSSIDKVKLRI
NGHELKEMPVGGTPISDDLSRKDGINLETAGVNDLTATHPLTVYYLAENEDSEYYVPVTKRIDNSEKDDITAAINELAKG
PSKVSGLLTDFSEDVKLVSKPKIKDGRVTLDFNQSIFGSADEKTKMISSEVLNSIVLTLTEQPDVKSVSVKVNGKSELVN
EKGEKLTEPVSRPSQVNTGSF
;
_entity_poly.pdbx_strand_id   A,B,C,D
#
loop_
_chem_comp.id
_chem_comp.type
_chem_comp.name
_chem_comp.formula
ACT non-polymer 'ACETATE ION' 'C2 H3 O2 -1'
EDO non-polymer 1,2-ETHANEDIOL 'C2 H6 O2'
#
# COMPACT_ATOMS: atom_id res chain seq x y z
N SER A 49 -22.31 -18.24 44.37
CA SER A 49 -21.56 -18.05 45.65
C SER A 49 -20.33 -18.95 45.67
N SER A 50 -20.54 -20.26 45.61
CA SER A 50 -19.45 -21.21 45.43
C SER A 50 -19.21 -21.54 43.96
N THR A 51 -20.04 -20.98 43.07
CA THR A 51 -19.90 -21.21 41.63
C THR A 51 -19.77 -19.90 40.86
N VAL A 52 -19.22 -19.98 39.66
CA VAL A 52 -19.18 -18.86 38.73
C VAL A 52 -19.80 -19.28 37.40
N MET A 53 -20.64 -18.40 36.84
CA MET A 53 -21.29 -18.68 35.57
C MET A 53 -20.28 -18.56 34.44
N ARG A 54 -20.16 -19.61 33.62
CA ARG A 54 -19.10 -19.68 32.62
C ARG A 54 -19.66 -20.14 31.27
N GLU A 55 -19.16 -19.58 30.19
CA GLU A 55 -19.53 -20.05 28.85
C GLU A 55 -18.85 -21.39 28.57
N LEU A 56 -19.65 -22.40 28.25
CA LEU A 56 -19.13 -23.63 27.67
C LEU A 56 -19.68 -23.78 26.27
N TYR A 57 -18.78 -23.97 25.30
CA TYR A 57 -19.20 -24.11 23.91
C TYR A 57 -19.46 -25.57 23.59
N LEU A 58 -20.71 -25.96 23.78
CA LEU A 58 -21.13 -27.34 23.60
C LEU A 58 -21.68 -27.53 22.20
N ILE A 59 -22.08 -28.76 21.89
CA ILE A 59 -22.67 -29.06 20.59
C ILE A 59 -24.15 -29.35 20.74
N ASP A 60 -25.00 -28.60 20.04
CA ASP A 60 -26.44 -28.80 20.13
C ASP A 60 -26.91 -29.93 19.22
N LYS A 61 -28.20 -30.23 19.27
CA LYS A 61 -28.70 -31.48 18.69
C LYS A 61 -28.65 -31.45 17.18
N ASN A 62 -28.46 -30.27 16.60
CA ASN A 62 -28.36 -30.14 15.14
C ASN A 62 -26.91 -29.97 14.67
N GLY A 63 -25.96 -30.07 15.60
CA GLY A 63 -24.55 -30.04 15.24
C GLY A 63 -23.85 -28.70 15.43
N TYR A 64 -24.56 -27.69 15.90
CA TYR A 64 -23.97 -26.36 16.07
C TYR A 64 -23.13 -26.30 17.34
N VAL A 65 -21.98 -25.65 17.24
CA VAL A 65 -21.22 -25.25 18.42
C VAL A 65 -21.85 -23.98 18.99
N VAL A 66 -22.23 -24.03 20.25
CA VAL A 66 -23.08 -23.00 20.85
C VAL A 66 -22.66 -22.79 22.30
N ALA A 67 -22.66 -21.53 22.72
CA ALA A 67 -22.40 -21.20 24.12
C ALA A 67 -23.57 -21.66 24.97
N GLN A 68 -23.27 -22.37 26.06
CA GLN A 68 -24.19 -22.52 27.16
C GLN A 68 -23.53 -22.06 28.45
N THR A 69 -24.13 -21.04 29.08
CA THR A 69 -23.54 -20.45 30.28
C THR A 69 -24.02 -21.18 31.52
N LEU A 70 -23.08 -21.79 32.24
CA LEU A 70 -23.38 -22.79 33.23
C LEU A 70 -22.55 -22.57 34.50
N PRO A 71 -23.07 -23.01 35.65
CA PRO A 71 -22.40 -22.76 36.94
C PRO A 71 -21.21 -23.69 37.17
N LEU A 72 -20.02 -23.11 37.27
CA LEU A 72 -18.81 -23.89 37.52
C LEU A 72 -18.24 -23.54 38.88
N PRO A 73 -17.75 -24.53 39.63
CA PRO A 73 -17.14 -24.29 40.94
C PRO A 73 -15.99 -23.27 40.88
N LYS A 74 -15.90 -22.40 41.87
CA LYS A 74 -14.73 -21.54 42.03
C LYS A 74 -13.44 -22.34 41.91
N SER A 75 -12.44 -21.74 41.28
CA SER A 75 -11.24 -22.47 40.88
C SER A 75 -10.05 -21.50 40.87
N GLU A 76 -8.84 -22.05 40.98
CA GLU A 76 -7.62 -21.27 40.83
C GLU A 76 -7.17 -21.20 39.37
N SER A 77 -7.67 -22.13 38.56
CA SER A 77 -7.31 -22.20 37.15
C SER A 77 -8.56 -22.34 36.28
N THR A 78 -9.18 -21.20 36.01
CA THR A 78 -10.51 -21.16 35.44
C THR A 78 -10.52 -21.58 33.97
N ALA A 79 -9.48 -21.20 33.23
CA ALA A 79 -9.36 -21.56 31.83
C ALA A 79 -9.25 -23.06 31.68
N LYS A 80 -8.40 -23.67 32.50
CA LYS A 80 -8.27 -25.12 32.53
C LYS A 80 -9.59 -25.78 32.94
N GLN A 81 -10.24 -25.19 33.93
CA GLN A 81 -11.48 -25.77 34.44
C GLN A 81 -12.55 -25.75 33.35
N ALA A 82 -12.62 -24.64 32.61
CA ALA A 82 -13.61 -24.51 31.54
C ALA A 82 -13.46 -25.62 30.51
N LEU A 83 -12.22 -25.93 30.13
CA LEU A 83 -11.95 -27.02 29.20
C LEU A 83 -12.31 -28.37 29.79
N GLU A 84 -12.05 -28.55 31.09
CA GLU A 84 -12.39 -29.81 31.76
C GLU A 84 -13.89 -30.05 31.73
N TYR A 85 -14.65 -28.97 31.68
CA TYR A 85 -16.11 -29.08 31.62
C TYR A 85 -16.63 -29.20 30.19
N LEU A 86 -15.73 -29.41 29.25
CA LEU A 86 -16.11 -29.80 27.90
C LEU A 86 -15.96 -31.31 27.71
N VAL A 87 -15.43 -32.00 28.70
CA VAL A 87 -15.05 -33.40 28.53
C VAL A 87 -16.25 -34.30 28.75
N GLN A 88 -16.56 -35.10 27.74
CA GLN A 88 -17.60 -36.13 27.82
C GLN A 88 -17.38 -37.03 29.04
N GLY A 89 -18.43 -37.19 29.84
CA GLY A 89 -18.42 -38.06 31.00
C GLY A 89 -17.76 -37.44 32.21
N GLY A 90 -17.35 -36.18 32.10
CA GLY A 90 -16.75 -35.47 33.21
C GLY A 90 -17.79 -34.72 34.01
N PRO A 91 -17.34 -33.74 34.80
CA PRO A 91 -18.21 -33.02 35.72
C PRO A 91 -19.38 -32.31 35.03
N VAL A 92 -19.29 -32.10 33.72
CA VAL A 92 -20.34 -31.39 32.99
C VAL A 92 -21.60 -32.23 32.85
N SER A 93 -21.45 -33.54 32.98
CA SER A 93 -22.59 -34.44 32.81
C SER A 93 -23.72 -34.06 33.77
N GLU A 94 -23.36 -33.57 34.95
CA GLU A 94 -24.32 -33.21 35.97
C GLU A 94 -25.09 -31.94 35.63
N ILE A 95 -24.51 -31.08 34.81
CA ILE A 95 -25.13 -29.80 34.50
C ILE A 95 -25.40 -29.62 33.01
N LEU A 96 -25.36 -30.72 32.28
CA LEU A 96 -25.53 -30.70 30.83
C LEU A 96 -26.99 -30.44 30.48
N PRO A 97 -27.27 -29.33 29.79
CA PRO A 97 -28.65 -29.10 29.37
C PRO A 97 -29.14 -30.11 28.33
N ASN A 98 -30.44 -30.33 28.33
CA ASN A 98 -31.08 -31.15 27.31
C ASN A 98 -30.84 -30.54 25.93
N GLY A 99 -30.56 -31.40 24.95
CA GLY A 99 -30.38 -30.97 23.57
C GLY A 99 -28.95 -30.55 23.27
N PHE A 100 -28.05 -30.83 24.19
CA PHE A 100 -26.63 -30.52 24.01
C PHE A 100 -25.78 -31.71 24.41
N ARG A 101 -24.58 -31.80 23.83
CA ARG A 101 -23.61 -32.83 24.24
C ARG A 101 -22.23 -32.22 24.46
N ALA A 102 -21.42 -32.91 25.26
CA ALA A 102 -20.05 -32.50 25.52
C ALA A 102 -19.20 -32.69 24.27
N VAL A 103 -17.95 -32.26 24.33
CA VAL A 103 -17.16 -32.03 23.12
C VAL A 103 -15.89 -32.89 23.07
N LEU A 104 -15.13 -32.87 24.15
CA LEU A 104 -13.86 -33.60 24.18
C LEU A 104 -14.10 -35.05 24.60
N PRO A 105 -13.29 -35.96 24.05
CA PRO A 105 -13.44 -37.39 24.35
C PRO A 105 -13.24 -37.71 25.82
N ALA A 106 -13.92 -38.75 26.30
CA ALA A 106 -13.84 -39.15 27.71
C ALA A 106 -12.40 -39.36 28.13
N ASP A 107 -12.11 -38.95 29.36
CA ASP A 107 -10.81 -39.18 29.98
C ASP A 107 -9.72 -38.28 29.41
N THR A 108 -10.10 -37.29 28.61
CA THR A 108 -9.17 -36.23 28.23
C THR A 108 -8.86 -35.35 29.42
N THR A 109 -7.57 -35.11 29.67
CA THR A 109 -7.13 -34.13 30.66
C THR A 109 -6.34 -33.02 29.95
N VAL A 110 -6.11 -31.90 30.63
CA VAL A 110 -5.53 -30.75 29.96
C VAL A 110 -4.84 -29.82 30.95
N ASN A 111 -3.72 -29.24 30.52
CA ASN A 111 -3.10 -28.09 31.16
C ASN A 111 -3.24 -26.85 30.28
N VAL A 112 -3.37 -25.69 30.92
CA VAL A 112 -3.47 -24.44 30.19
C VAL A 112 -2.41 -23.46 30.69
N ASP A 113 -1.59 -22.99 29.78
CA ASP A 113 -0.57 -22.01 30.08
C ASP A 113 -0.90 -20.70 29.37
N ILE A 114 -1.21 -19.68 30.15
CA ILE A 114 -1.59 -18.39 29.60
C ILE A 114 -0.38 -17.46 29.54
N LYS A 115 0.00 -17.05 28.35
CA LYS A 115 1.15 -16.16 28.16
C LYS A 115 0.72 -14.71 28.29
N LYS A 116 1.70 -13.82 28.40
CA LYS A 116 1.42 -12.40 28.61
C LYS A 116 0.91 -11.73 27.34
N ASP A 117 1.25 -12.29 26.19
CA ASP A 117 0.81 -11.76 24.91
C ASP A 117 -0.65 -12.10 24.58
N GLY A 118 -1.29 -12.87 25.46
CA GLY A 118 -2.71 -13.21 25.28
C GLY A 118 -2.91 -14.60 24.70
N THR A 119 -1.82 -15.33 24.51
CA THR A 119 -1.88 -16.68 23.96
C THR A 119 -2.10 -17.68 25.06
N ALA A 120 -3.10 -18.54 24.89
CA ALA A 120 -3.27 -19.68 25.78
C ALA A 120 -2.85 -20.95 25.07
N ILE A 121 -2.01 -21.72 25.75
CA ILE A 121 -1.57 -23.00 25.21
C ILE A 121 -2.31 -24.11 25.95
N ALA A 122 -3.13 -24.85 25.21
CA ALA A 122 -3.91 -25.92 25.80
C ALA A 122 -3.26 -27.25 25.45
N ASP A 123 -2.72 -27.92 26.47
CA ASP A 123 -1.94 -29.13 26.26
C ASP A 123 -2.74 -30.33 26.76
N PHE A 124 -3.17 -31.18 25.84
CA PHE A 124 -4.15 -32.23 26.14
C PHE A 124 -3.44 -33.58 26.28
N SER A 125 -4.07 -34.49 27.02
CA SER A 125 -3.64 -35.87 27.04
C SER A 125 -4.01 -36.57 25.73
N ASN A 126 -3.57 -37.81 25.57
CA ASN A 126 -3.68 -38.51 24.29
C ASN A 126 -5.11 -38.90 23.95
N GLU A 127 -5.97 -38.98 24.95
CA GLU A 127 -7.40 -39.27 24.72
C GLU A 127 -8.06 -38.22 23.82
N PHE A 128 -7.46 -37.03 23.76
CA PHE A 128 -7.91 -35.97 22.87
C PHE A 128 -8.14 -36.46 21.45
N LYS A 129 -7.44 -37.52 21.07
CA LYS A 129 -7.51 -38.03 19.70
C LYS A 129 -8.76 -38.86 19.45
N ASN A 130 -9.48 -39.22 20.50
CA ASN A 130 -10.55 -40.22 20.40
C ASN A 130 -11.90 -39.62 20.03
N TYR A 131 -11.94 -38.80 18.99
CA TYR A 131 -13.18 -38.20 18.52
C TYR A 131 -13.51 -38.71 17.12
N LYS A 132 -14.76 -38.53 16.71
CA LYS A 132 -15.16 -38.84 15.34
C LYS A 132 -14.75 -37.73 14.38
N LYS A 133 -14.38 -38.11 13.16
CA LYS A 133 -13.87 -37.17 12.17
C LYS A 133 -14.84 -36.03 11.94
N GLU A 134 -16.13 -36.35 11.98
CA GLU A 134 -17.18 -35.38 11.71
C GLU A 134 -17.19 -34.22 12.71
N ASP A 135 -16.61 -34.43 13.88
CA ASP A 135 -16.62 -33.42 14.94
C ASP A 135 -15.33 -32.57 14.98
N GLU A 136 -14.42 -32.81 14.04
CA GLU A 136 -13.07 -32.26 14.13
C GLU A 136 -13.06 -30.73 14.25
N GLN A 137 -13.77 -30.06 13.34
CA GLN A 137 -13.83 -28.60 13.36
C GLN A 137 -14.59 -28.09 14.59
N LYS A 138 -15.61 -28.82 15.01
CA LYS A 138 -16.37 -28.45 16.19
C LYS A 138 -15.47 -28.36 17.41
N ILE A 139 -14.61 -29.37 17.57
CA ILE A 139 -13.71 -29.42 18.71
C ILE A 139 -12.75 -28.21 18.74
N VAL A 140 -12.17 -27.88 17.60
CA VAL A 140 -11.26 -26.73 17.52
C VAL A 140 -11.98 -25.44 17.89
N GLN A 141 -13.19 -25.26 17.34
CA GLN A 141 -13.95 -24.05 17.59
C GLN A 141 -14.42 -23.96 19.04
N SER A 142 -14.85 -25.10 19.59
CA SER A 142 -15.28 -25.16 20.99
C SER A 142 -14.16 -24.73 21.95
N VAL A 143 -13.00 -25.34 21.80
CA VAL A 143 -11.87 -25.02 22.63
C VAL A 143 -11.48 -23.55 22.46
N THR A 144 -11.47 -23.09 21.23
CA THR A 144 -11.05 -21.72 20.94
C THR A 144 -12.01 -20.72 21.57
N TRP A 145 -13.30 -20.94 21.40
CA TRP A 145 -14.28 -19.98 21.88
C TRP A 145 -14.43 -20.06 23.39
N THR A 146 -14.26 -21.25 23.94
CA THR A 146 -14.30 -21.40 25.40
C THR A 146 -13.14 -20.68 26.09
N LEU A 147 -11.93 -20.82 25.54
CA LEU A 147 -10.75 -20.18 26.11
C LEU A 147 -10.79 -18.67 25.96
N THR A 148 -11.28 -18.19 24.82
CA THR A 148 -11.22 -16.76 24.51
C THR A 148 -12.33 -15.96 25.16
N GLN A 149 -13.16 -16.60 25.96
CA GLN A 149 -14.14 -15.84 26.75
C GLN A 149 -13.43 -15.03 27.85
N PHE A 150 -12.24 -15.45 28.23
CA PHE A 150 -11.48 -14.77 29.27
C PHE A 150 -10.69 -13.60 28.71
N SER A 151 -10.68 -12.53 29.31
CA SER A 151 -10.08 -11.29 28.79
C SER A 151 -8.56 -11.43 28.61
N SER A 152 -7.92 -12.40 29.45
CA SER A 152 -6.48 -12.64 29.35
C SER A 152 -6.12 -13.53 28.17
N ILE A 153 -7.11 -14.08 27.47
CA ILE A 153 -6.87 -14.96 26.33
C ILE A 153 -7.57 -14.45 25.07
N ASP A 154 -6.80 -14.17 24.03
CA ASP A 154 -7.41 -13.88 22.72
C ASP A 154 -6.86 -14.74 21.59
N LYS A 155 -5.91 -15.62 21.89
CA LYS A 155 -5.35 -16.52 20.89
C LYS A 155 -5.09 -17.87 21.54
N VAL A 156 -5.09 -18.92 20.74
CA VAL A 156 -5.04 -20.27 21.28
C VAL A 156 -4.07 -21.13 20.49
N LYS A 157 -3.28 -21.93 21.20
CA LYS A 157 -2.44 -22.94 20.59
C LYS A 157 -2.76 -24.29 21.22
N LEU A 158 -2.78 -25.32 20.39
CA LEU A 158 -3.19 -26.64 20.83
C LEU A 158 -1.98 -27.57 20.88
N ARG A 159 -1.88 -28.38 21.93
CA ARG A 159 -0.87 -29.43 21.98
C ARG A 159 -1.47 -30.74 22.45
N ILE A 160 -0.85 -31.84 22.04
CA ILE A 160 -1.12 -33.14 22.64
C ILE A 160 0.17 -33.70 23.25
N ASN A 161 0.16 -33.88 24.57
CA ASN A 161 1.33 -34.32 25.31
C ASN A 161 2.57 -33.50 24.93
N GLY A 162 2.39 -32.19 24.79
CA GLY A 162 3.50 -31.27 24.58
C GLY A 162 3.88 -31.09 23.12
N HIS A 163 3.28 -31.90 22.23
CA HIS A 163 3.55 -31.79 20.80
C HIS A 163 2.63 -30.77 20.15
N GLU A 164 3.20 -29.82 19.43
CA GLU A 164 2.42 -28.73 18.83
C GLU A 164 1.58 -29.27 17.68
N LEU A 165 0.31 -28.85 17.64
CA LEU A 165 -0.59 -29.27 16.57
C LEU A 165 -0.63 -28.21 15.47
N LYS A 166 -0.15 -28.58 14.29
CA LYS A 166 -0.35 -27.79 13.09
C LYS A 166 -1.57 -28.30 12.33
N GLU A 167 -2.01 -29.52 12.64
CA GLU A 167 -3.27 -30.01 12.14
C GLU A 167 -3.94 -30.92 13.16
N MET A 168 -5.25 -31.12 13.03
CA MET A 168 -5.95 -32.02 13.93
C MET A 168 -5.64 -33.47 13.52
N PRO A 169 -5.52 -34.36 14.51
CA PRO A 169 -4.92 -35.68 14.29
C PRO A 169 -5.76 -36.61 13.43
N VAL A 170 -7.08 -36.60 13.59
CA VAL A 170 -7.91 -37.63 13.00
C VAL A 170 -8.14 -37.39 11.51
N GLY A 171 -8.45 -36.15 11.13
CA GLY A 171 -8.82 -35.83 9.76
C GLY A 171 -7.93 -34.81 9.10
N GLY A 172 -6.98 -34.25 9.85
CA GLY A 172 -5.96 -33.40 9.25
C GLY A 172 -6.36 -31.94 9.03
N THR A 173 -7.46 -31.51 9.65
CA THR A 173 -7.88 -30.13 9.56
C THR A 173 -6.76 -29.21 10.04
N PRO A 174 -6.32 -28.28 9.18
CA PRO A 174 -5.23 -27.38 9.55
C PRO A 174 -5.62 -26.45 10.68
N ILE A 175 -4.66 -26.20 11.57
CA ILE A 175 -4.79 -25.17 12.59
C ILE A 175 -3.67 -24.14 12.40
N SER A 176 -4.04 -22.86 12.30
CA SER A 176 -3.08 -21.79 12.12
C SER A 176 -2.38 -21.41 13.43
N ASP A 177 -1.20 -20.81 13.31
CA ASP A 177 -0.42 -20.42 14.49
C ASP A 177 -1.22 -19.44 15.33
N ASP A 178 -1.89 -18.53 14.65
CA ASP A 178 -2.79 -17.60 15.28
C ASP A 178 -4.21 -18.15 15.20
N LEU A 179 -4.73 -18.63 16.33
CA LEU A 179 -6.05 -19.27 16.39
C LEU A 179 -6.95 -18.48 17.32
N SER A 180 -8.05 -17.95 16.78
CA SER A 180 -8.94 -17.08 17.55
C SER A 180 -10.38 -17.14 17.06
N ARG A 181 -11.25 -16.33 17.65
CA ARG A 181 -12.65 -16.26 17.26
C ARG A 181 -12.80 -15.79 15.83
N LYS A 182 -11.76 -15.15 15.30
CA LYS A 182 -11.82 -14.63 13.93
C LYS A 182 -11.69 -15.75 12.90
N ASP A 183 -11.23 -16.90 13.33
CA ASP A 183 -11.23 -18.09 12.49
C ASP A 183 -12.63 -18.70 12.31
N GLY A 184 -13.62 -18.09 12.96
CA GLY A 184 -15.02 -18.39 12.66
C GLY A 184 -15.57 -19.51 13.50
N ILE A 185 -16.84 -19.83 13.26
CA ILE A 185 -17.55 -20.85 14.01
C ILE A 185 -18.77 -21.28 13.22
N ASN A 186 -19.05 -22.58 13.21
CA ASN A 186 -20.17 -23.11 12.44
C ASN A 186 -20.18 -22.57 11.01
N LEU A 187 -19.07 -22.73 10.31
CA LEU A 187 -18.90 -22.10 8.99
C LEU A 187 -20.00 -22.54 8.02
N GLU A 188 -20.64 -21.58 7.35
CA GLU A 188 -21.56 -21.90 6.28
C GLU A 188 -20.78 -22.39 5.07
N THR A 189 -21.00 -23.65 4.70
CA THR A 189 -20.26 -24.26 3.60
C THR A 189 -21.18 -24.79 2.49
N ALA A 190 -22.48 -24.53 2.58
CA ALA A 190 -23.40 -24.98 1.55
C ALA A 190 -23.20 -24.16 0.30
N GLY A 191 -23.24 -24.82 -0.86
CA GLY A 191 -23.20 -24.10 -2.14
C GLY A 191 -21.77 -23.70 -2.50
N VAL A 192 -21.64 -22.92 -3.57
CA VAL A 192 -20.32 -22.51 -4.03
C VAL A 192 -19.93 -21.20 -3.33
N ASN A 193 -18.81 -21.24 -2.60
CA ASN A 193 -18.38 -20.07 -1.86
C ASN A 193 -17.02 -19.57 -2.36
N ASP A 194 -17.03 -18.38 -2.96
CA ASP A 194 -15.81 -17.79 -3.50
C ASP A 194 -15.08 -17.08 -2.38
N LEU A 195 -14.04 -17.71 -1.83
CA LEU A 195 -13.32 -17.19 -0.70
C LEU A 195 -12.40 -16.04 -1.06
N THR A 196 -12.16 -15.83 -2.35
CA THR A 196 -11.33 -14.70 -2.78
C THR A 196 -12.14 -13.44 -2.84
N ALA A 197 -13.45 -13.59 -3.02
CA ALA A 197 -14.33 -12.44 -3.24
C ALA A 197 -15.17 -12.12 -2.01
N THR A 198 -14.98 -12.87 -0.93
CA THR A 198 -15.81 -12.69 0.26
C THR A 198 -14.94 -12.70 1.51
N HIS A 199 -15.50 -12.19 2.60
CA HIS A 199 -14.82 -12.25 3.89
C HIS A 199 -15.78 -12.79 4.95
N PRO A 200 -15.25 -13.43 5.99
CA PRO A 200 -16.06 -14.05 7.02
C PRO A 200 -16.68 -13.02 7.94
N LEU A 201 -17.90 -13.27 8.39
CA LEU A 201 -18.54 -12.43 9.38
C LEU A 201 -19.49 -13.30 10.20
N THR A 202 -19.36 -13.20 11.52
CA THR A 202 -20.18 -13.99 12.42
C THR A 202 -21.49 -13.29 12.71
N VAL A 203 -22.57 -14.03 12.57
CA VAL A 203 -23.92 -13.54 12.75
C VAL A 203 -24.68 -14.53 13.63
N TYR A 204 -25.43 -14.01 14.60
CA TYR A 204 -26.17 -14.85 15.53
C TYR A 204 -27.61 -15.06 15.08
N TYR A 205 -28.00 -16.33 15.01
CA TYR A 205 -29.38 -16.67 14.74
C TYR A 205 -29.99 -17.35 15.93
N LEU A 206 -31.30 -17.56 15.86
CA LEU A 206 -32.06 -18.07 17.00
C LEU A 206 -32.36 -19.55 16.81
N ALA A 207 -32.17 -20.32 17.88
CA ALA A 207 -32.59 -21.70 17.91
C ALA A 207 -33.41 -21.91 19.17
N GLU A 208 -34.05 -23.06 19.29
CA GLU A 208 -34.75 -23.36 20.53
C GLU A 208 -34.94 -24.85 20.71
N ASN A 209 -35.01 -25.25 21.97
CA ASN A 209 -35.40 -26.60 22.32
C ASN A 209 -36.50 -26.55 23.39
N GLU A 210 -36.81 -27.71 23.96
CA GLU A 210 -37.84 -27.80 24.98
C GLU A 210 -37.71 -26.70 26.02
N ASP A 211 -36.49 -26.48 26.53
CA ASP A 211 -36.26 -25.60 27.68
C ASP A 211 -36.17 -24.11 27.33
N SER A 212 -35.56 -23.78 26.20
CA SER A 212 -35.17 -22.39 25.95
C SER A 212 -34.90 -22.04 24.49
N GLU A 213 -34.95 -20.74 24.23
CA GLU A 213 -34.30 -20.13 23.08
C GLU A 213 -32.83 -19.90 23.39
N TYR A 214 -31.99 -20.00 22.37
CA TYR A 214 -30.60 -19.67 22.52
C TYR A 214 -30.02 -19.17 21.20
N TYR A 215 -28.88 -18.50 21.29
CA TYR A 215 -28.35 -17.78 20.16
C TYR A 215 -27.14 -18.50 19.61
N VAL A 216 -27.18 -18.78 18.32
CA VAL A 216 -26.19 -19.60 17.65
C VAL A 216 -25.39 -18.75 16.66
N PRO A 217 -24.07 -18.70 16.84
CA PRO A 217 -23.23 -17.89 15.96
C PRO A 217 -22.86 -18.68 14.71
N VAL A 218 -22.97 -18.05 13.55
CA VAL A 218 -22.66 -18.69 12.28
C VAL A 218 -21.79 -17.73 11.46
N THR A 219 -20.67 -18.24 10.97
CA THR A 219 -19.80 -17.43 10.11
C THR A 219 -20.29 -17.48 8.66
N LYS A 220 -20.73 -16.34 8.16
CA LYS A 220 -21.20 -16.22 6.79
C LYS A 220 -20.14 -15.60 5.90
N ARG A 221 -20.33 -15.70 4.59
CA ARG A 221 -19.44 -15.04 3.63
C ARG A 221 -20.08 -13.74 3.18
N ILE A 222 -19.39 -12.62 3.39
CA ILE A 222 -19.87 -11.33 2.95
C ILE A 222 -19.05 -10.85 1.73
N ASP A 223 -19.74 -10.31 0.72
CA ASP A 223 -19.07 -9.77 -0.46
C ASP A 223 -18.08 -8.69 -0.07
N ASN A 224 -16.88 -8.76 -0.66
CA ASN A 224 -15.80 -7.85 -0.31
C ASN A 224 -16.10 -6.42 -0.76
N SER A 225 -17.03 -6.25 -1.69
CA SER A 225 -17.48 -4.93 -2.08
C SER A 225 -18.21 -4.20 -0.95
N GLU A 226 -18.74 -4.96 0.02
CA GLU A 226 -19.24 -4.35 1.27
C GLU A 226 -18.10 -4.04 2.23
N LYS A 227 -17.89 -2.76 2.47
CA LYS A 227 -16.84 -2.30 3.38
C LYS A 227 -17.39 -1.96 4.77
N ASP A 228 -18.71 -1.97 4.91
CA ASP A 228 -19.36 -1.69 6.18
C ASP A 228 -19.96 -2.98 6.75
N ASP A 229 -19.25 -3.59 7.71
CA ASP A 229 -19.66 -4.89 8.24
C ASP A 229 -20.81 -4.78 9.24
N ILE A 230 -21.05 -3.58 9.74
CA ILE A 230 -22.20 -3.32 10.59
C ILE A 230 -23.48 -3.45 9.77
N THR A 231 -23.50 -2.78 8.63
CA THR A 231 -24.62 -2.89 7.69
C THR A 231 -24.76 -4.30 7.12
N ALA A 232 -23.63 -4.92 6.77
CA ALA A 232 -23.65 -6.30 6.27
C ALA A 232 -24.31 -7.23 7.28
N ALA A 233 -23.88 -7.13 8.54
CA ALA A 233 -24.45 -7.93 9.63
C ALA A 233 -25.96 -7.77 9.74
N ILE A 234 -26.42 -6.52 9.73
CA ILE A 234 -27.85 -6.24 9.78
C ILE A 234 -28.59 -6.84 8.60
N ASN A 235 -28.04 -6.68 7.39
CA ASN A 235 -28.66 -7.26 6.20
C ASN A 235 -28.75 -8.78 6.29
N GLU A 236 -27.71 -9.42 6.84
CA GLU A 236 -27.74 -10.88 7.00
C GLU A 236 -28.76 -11.32 8.04
N LEU A 237 -28.91 -10.52 9.09
CA LEU A 237 -29.92 -10.83 10.12
C LEU A 237 -31.32 -10.76 9.54
N ALA A 238 -31.56 -9.77 8.69
CA ALA A 238 -32.85 -9.60 8.02
C ALA A 238 -33.12 -10.72 7.02
N LYS A 239 -32.08 -11.18 6.32
CA LYS A 239 -32.24 -12.28 5.36
C LYS A 239 -32.58 -13.57 6.06
N GLY A 240 -32.01 -13.78 7.24
CA GLY A 240 -32.28 -14.98 8.02
C GLY A 240 -31.33 -16.11 7.68
N PRO A 241 -31.44 -17.22 8.41
CA PRO A 241 -30.52 -18.32 8.21
C PRO A 241 -30.86 -19.17 6.99
N SER A 242 -29.98 -20.11 6.65
CA SER A 242 -30.25 -21.08 5.61
C SER A 242 -31.56 -21.80 5.90
N LYS A 243 -32.23 -22.24 4.85
CA LYS A 243 -33.45 -23.01 5.00
C LYS A 243 -33.16 -24.41 5.53
N VAL A 244 -34.03 -24.90 6.40
CA VAL A 244 -33.91 -26.23 6.96
C VAL A 244 -32.57 -26.41 7.68
N SER A 245 -32.21 -25.41 8.49
CA SER A 245 -30.90 -25.35 9.14
C SER A 245 -31.03 -25.60 10.64
N GLY A 246 -32.25 -25.67 11.12
CA GLY A 246 -32.51 -25.80 12.51
C GLY A 246 -32.47 -24.45 13.20
N LEU A 247 -32.39 -23.38 12.41
CA LEU A 247 -32.33 -22.04 12.92
C LEU A 247 -33.45 -21.16 12.41
N LEU A 248 -33.69 -20.08 13.12
CA LEU A 248 -34.68 -19.13 12.69
C LEU A 248 -34.21 -17.71 12.91
N THR A 249 -34.93 -16.77 12.38
CA THR A 249 -34.65 -15.35 12.57
C THR A 249 -35.96 -14.73 13.01
N ASP A 250 -35.92 -13.76 13.91
CA ASP A 250 -37.14 -13.11 14.29
C ASP A 250 -37.23 -11.81 13.52
N PHE A 251 -36.32 -11.58 12.60
CA PHE A 251 -36.34 -10.38 11.77
C PHE A 251 -37.36 -10.52 10.66
N SER A 252 -38.04 -9.42 10.34
CA SER A 252 -38.71 -9.30 9.06
C SER A 252 -37.67 -9.11 7.96
N GLU A 253 -37.93 -9.68 6.79
CA GLU A 253 -37.02 -9.53 5.65
C GLU A 253 -36.93 -8.10 5.16
N ASP A 254 -37.91 -7.27 5.51
CA ASP A 254 -37.94 -5.90 5.00
C ASP A 254 -37.11 -4.95 5.84
N VAL A 255 -36.55 -5.46 6.95
CA VAL A 255 -35.73 -4.63 7.81
C VAL A 255 -34.54 -4.06 7.05
N LYS A 256 -34.35 -2.74 7.14
CA LYS A 256 -33.22 -2.05 6.53
C LYS A 256 -32.75 -0.94 7.45
N LEU A 257 -31.47 -0.59 7.35
CA LEU A 257 -30.98 0.64 7.91
C LEU A 257 -31.36 1.80 6.98
N VAL A 258 -31.77 2.92 7.57
CA VAL A 258 -32.18 4.09 6.79
C VAL A 258 -31.12 5.19 6.85
N SER A 259 -30.14 5.01 7.73
CA SER A 259 -28.95 5.85 7.74
C SER A 259 -27.70 4.97 7.82
N LYS A 260 -26.56 5.51 7.44
CA LYS A 260 -25.31 4.83 7.67
C LYS A 260 -25.11 4.72 9.17
N PRO A 261 -24.69 3.53 9.64
CA PRO A 261 -24.41 3.40 11.05
C PRO A 261 -23.33 4.36 11.46
N LYS A 262 -23.39 4.87 12.68
CA LYS A 262 -22.30 5.64 13.25
C LYS A 262 -21.64 4.83 14.35
N ILE A 263 -20.34 5.06 14.53
CA ILE A 263 -19.64 4.50 15.66
C ILE A 263 -18.77 5.55 16.33
N LYS A 264 -18.82 5.58 17.66
CA LYS A 264 -18.09 6.56 18.43
C LYS A 264 -17.75 5.96 19.78
N ASP A 265 -16.46 5.75 20.01
CA ASP A 265 -15.99 5.18 21.27
C ASP A 265 -16.59 3.81 21.54
N GLY A 266 -16.75 3.01 20.49
CA GLY A 266 -17.21 1.63 20.62
C GLY A 266 -18.73 1.51 20.68
N ARG A 267 -19.41 2.64 20.52
CA ARG A 267 -20.86 2.66 20.55
C ARG A 267 -21.38 2.80 19.14
N VAL A 268 -22.13 1.80 18.69
CA VAL A 268 -22.74 1.84 17.37
C VAL A 268 -24.15 2.36 17.47
N THR A 269 -24.52 3.24 16.56
CA THR A 269 -25.88 3.72 16.45
C THR A 269 -26.53 3.25 15.16
N LEU A 270 -27.62 2.52 15.31
CA LEU A 270 -28.37 2.01 14.16
C LEU A 270 -29.66 2.77 14.01
N ASP A 271 -30.04 3.01 12.76
CA ASP A 271 -31.27 3.71 12.44
C ASP A 271 -32.07 2.85 11.51
N PHE A 272 -33.13 2.28 12.02
CA PHE A 272 -33.91 1.35 11.27
C PHE A 272 -35.14 1.93 10.65
N ASN A 273 -35.72 1.16 9.77
CA ASN A 273 -37.00 1.49 9.20
C ASN A 273 -38.08 0.90 10.11
N GLN A 274 -39.32 1.01 9.73
CA GLN A 274 -40.40 0.53 10.55
C GLN A 274 -40.53 -0.97 10.71
N SER A 275 -39.93 -1.73 9.82
CA SER A 275 -40.00 -3.18 9.88
C SER A 275 -39.33 -3.79 11.09
N ILE A 276 -38.44 -3.05 11.72
CA ILE A 276 -37.79 -3.50 12.92
C ILE A 276 -38.76 -3.79 14.06
N PHE A 277 -39.88 -3.12 14.13
CA PHE A 277 -40.85 -3.39 15.15
C PHE A 277 -42.11 -3.85 14.47
N THR A 284 -47.09 1.19 19.49
CA THR A 284 -46.25 1.00 20.67
C THR A 284 -44.75 0.91 20.31
N LYS A 285 -44.45 0.34 19.15
CA LYS A 285 -43.09 0.34 18.59
C LYS A 285 -42.13 -0.52 19.40
N MET A 286 -42.49 -1.79 19.54
CA MET A 286 -41.73 -2.75 20.30
C MET A 286 -40.75 -3.49 19.40
N ILE A 287 -39.51 -3.60 19.86
CA ILE A 287 -38.54 -4.46 19.24
C ILE A 287 -38.40 -5.70 20.11
N SER A 288 -38.50 -6.88 19.48
CA SER A 288 -38.50 -8.12 20.25
C SER A 288 -37.13 -8.38 20.85
N SER A 289 -37.11 -9.10 21.96
CA SER A 289 -35.88 -9.49 22.62
C SER A 289 -34.96 -10.29 21.71
N GLU A 290 -35.56 -11.12 20.86
CA GLU A 290 -34.81 -11.98 19.98
C GLU A 290 -34.08 -11.16 18.94
N VAL A 291 -34.76 -10.15 18.41
CA VAL A 291 -34.16 -9.26 17.43
C VAL A 291 -33.04 -8.44 18.07
N LEU A 292 -33.33 -7.86 19.23
CA LEU A 292 -32.37 -7.03 19.93
C LEU A 292 -31.12 -7.80 20.38
N ASN A 293 -31.32 -8.96 21.00
CA ASN A 293 -30.19 -9.81 21.38
C ASN A 293 -29.31 -10.23 20.20
N SER A 294 -29.95 -10.61 19.09
CA SER A 294 -29.26 -11.00 17.88
C SER A 294 -28.38 -9.85 17.37
N ILE A 295 -28.95 -8.66 17.33
CA ILE A 295 -28.20 -7.48 16.92
C ILE A 295 -26.98 -7.25 17.79
N VAL A 296 -27.20 -7.27 19.09
CA VAL A 296 -26.16 -6.91 20.03
C VAL A 296 -25.07 -7.96 20.10
N LEU A 297 -25.46 -9.23 20.14
CA LEU A 297 -24.46 -10.31 20.13
C LEU A 297 -23.63 -10.27 18.85
N THR A 298 -24.28 -9.95 17.73
CA THR A 298 -23.62 -10.00 16.43
C THR A 298 -22.63 -8.84 16.31
N LEU A 299 -23.10 -7.64 16.64
CA LEU A 299 -22.28 -6.45 16.49
C LEU A 299 -21.11 -6.40 17.47
N THR A 300 -21.33 -6.86 18.69
CA THR A 300 -20.25 -6.87 19.69
C THR A 300 -19.24 -8.00 19.50
N GLU A 301 -19.41 -8.81 18.46
CA GLU A 301 -18.33 -9.71 18.02
C GLU A 301 -17.30 -8.96 17.19
N GLN A 302 -17.71 -7.86 16.60
CA GLN A 302 -16.87 -7.07 15.75
C GLN A 302 -15.92 -6.24 16.54
N PRO A 303 -14.74 -5.99 15.99
CA PRO A 303 -13.67 -5.26 16.63
C PRO A 303 -14.09 -3.86 17.03
N ASP A 304 -13.82 -3.57 18.28
CA ASP A 304 -14.08 -2.31 18.96
C ASP A 304 -15.54 -1.94 19.17
N VAL A 305 -16.47 -2.87 19.04
CA VAL A 305 -17.85 -2.57 19.28
C VAL A 305 -18.18 -3.03 20.68
N LYS A 306 -18.63 -2.11 21.51
CA LYS A 306 -18.94 -2.43 22.90
C LYS A 306 -20.43 -2.30 23.22
N SER A 307 -21.14 -1.51 22.43
CA SER A 307 -22.56 -1.28 22.69
C SER A 307 -23.29 -0.80 21.45
N VAL A 308 -24.61 -0.92 21.48
CA VAL A 308 -25.44 -0.60 20.32
C VAL A 308 -26.65 0.21 20.75
N SER A 309 -26.83 1.36 20.14
CA SER A 309 -28.04 2.16 20.33
C SER A 309 -28.90 2.03 19.10
N VAL A 310 -30.21 1.94 19.30
CA VAL A 310 -31.13 1.69 18.21
C VAL A 310 -32.15 2.80 18.08
N LYS A 311 -32.38 3.24 16.85
CA LYS A 311 -33.39 4.23 16.55
C LYS A 311 -34.24 3.71 15.43
N VAL A 312 -35.43 4.30 15.29
CA VAL A 312 -36.26 4.05 14.12
C VAL A 312 -36.59 5.38 13.43
N ASN A 313 -36.19 5.48 12.16
CA ASN A 313 -36.41 6.67 11.37
C ASN A 313 -36.01 7.94 12.10
N GLY A 314 -34.85 7.91 12.75
CA GLY A 314 -34.26 9.13 13.31
C GLY A 314 -34.41 9.25 14.82
N LYS A 315 -35.33 8.50 15.40
CA LYS A 315 -35.75 8.76 16.78
C LYS A 315 -35.57 7.54 17.69
N SER A 316 -35.19 7.81 18.94
CA SER A 316 -35.08 6.77 19.96
C SER A 316 -36.42 6.39 20.57
N GLU A 317 -37.32 5.87 19.74
CA GLU A 317 -38.69 5.61 20.14
C GLU A 317 -38.97 4.12 20.31
N LEU A 318 -37.94 3.28 20.25
CA LEU A 318 -38.19 1.84 20.39
C LEU A 318 -38.33 1.48 21.86
N VAL A 319 -39.26 0.58 22.16
CA VAL A 319 -39.35 0.01 23.50
C VAL A 319 -39.13 -1.48 23.43
N ASN A 320 -38.68 -2.06 24.54
CA ASN A 320 -38.49 -3.50 24.60
C ASN A 320 -39.80 -4.17 25.01
N GLU A 321 -39.73 -5.46 25.36
CA GLU A 321 -40.95 -6.23 25.60
C GLU A 321 -41.59 -5.86 26.94
N LYS A 322 -40.81 -5.27 27.83
CA LYS A 322 -41.32 -4.78 29.10
C LYS A 322 -41.86 -3.35 29.00
N GLY A 323 -41.86 -2.80 27.79
CA GLY A 323 -42.38 -1.44 27.55
C GLY A 323 -41.40 -0.34 27.91
N GLU A 324 -40.15 -0.72 28.16
CA GLU A 324 -39.12 0.23 28.55
C GLU A 324 -38.50 0.90 27.33
N LYS A 325 -38.33 2.22 27.38
CA LYS A 325 -37.77 2.97 26.26
C LYS A 325 -36.29 2.67 26.13
N LEU A 326 -35.87 2.34 24.91
CA LEU A 326 -34.48 2.03 24.63
C LEU A 326 -33.78 3.27 24.09
N THR A 327 -33.41 4.17 25.00
CA THR A 327 -32.77 5.43 24.62
C THR A 327 -31.26 5.34 24.84
N GLU A 328 -30.82 4.35 25.59
CA GLU A 328 -29.40 4.21 25.89
C GLU A 328 -28.77 3.04 25.12
N PRO A 329 -27.44 3.06 24.99
CA PRO A 329 -26.73 1.96 24.36
C PRO A 329 -26.95 0.66 25.10
N VAL A 330 -27.23 -0.41 24.36
CA VAL A 330 -27.31 -1.75 24.94
C VAL A 330 -25.98 -2.46 24.75
N SER A 331 -25.48 -3.05 25.82
CA SER A 331 -24.21 -3.76 25.74
C SER A 331 -24.45 -5.27 25.73
N ARG A 332 -23.39 -6.00 25.45
CA ARG A 332 -23.47 -7.44 25.31
C ARG A 332 -23.96 -8.06 26.62
N PRO A 333 -24.92 -8.99 26.53
CA PRO A 333 -25.41 -9.69 27.72
C PRO A 333 -24.27 -10.24 28.58
N SER A 334 -24.42 -10.16 29.89
CA SER A 334 -23.39 -10.63 30.81
C SER A 334 -23.31 -12.15 30.77
N GLN A 335 -24.45 -12.80 30.60
CA GLN A 335 -24.50 -14.24 30.41
C GLN A 335 -25.12 -14.57 29.07
N VAL A 336 -24.32 -15.10 28.16
CA VAL A 336 -24.81 -15.55 26.86
C VAL A 336 -25.42 -16.95 26.98
N ASN A 337 -26.71 -17.09 26.68
CA ASN A 337 -27.34 -18.41 26.62
C ASN A 337 -27.24 -19.14 27.97
N THR A 338 -27.77 -18.53 29.02
CA THR A 338 -27.82 -19.20 30.31
C THR A 338 -28.49 -20.55 30.10
N GLY A 339 -27.84 -21.60 30.55
CA GLY A 339 -28.36 -22.94 30.36
C GLY A 339 -29.44 -23.29 31.37
N SER A 340 -30.25 -24.30 31.03
CA SER A 340 -31.19 -24.91 31.97
C SER A 340 -30.91 -26.40 32.12
N PHE A 341 -30.67 -26.82 33.35
CA PHE A 341 -30.48 -28.23 33.64
C PHE A 341 -31.26 -28.62 34.88
N THR B 51 2.72 -35.47 -25.95
CA THR B 51 2.19 -34.39 -25.08
C THR B 51 3.30 -33.54 -24.47
N VAL B 52 2.95 -32.30 -24.16
CA VAL B 52 3.85 -31.37 -23.49
C VAL B 52 3.15 -30.80 -22.25
N MET B 53 3.87 -30.69 -21.14
CA MET B 53 3.32 -30.14 -19.91
C MET B 53 3.10 -28.63 -20.05
N ARG B 54 1.89 -28.18 -19.74
CA ARG B 54 1.55 -26.77 -19.87
C ARG B 54 0.82 -26.25 -18.61
N GLU B 55 1.10 -25.02 -18.23
CA GLU B 55 0.42 -24.43 -17.12
C GLU B 55 -0.94 -23.93 -17.59
N LEU B 56 -2.00 -24.30 -16.91
CA LEU B 56 -3.32 -23.77 -17.19
C LEU B 56 -3.80 -23.11 -15.91
N TYR B 57 -4.22 -21.86 -16.01
CA TYR B 57 -4.68 -21.16 -14.83
C TYR B 57 -6.18 -21.33 -14.69
N LEU B 58 -6.54 -22.39 -14.01
CA LEU B 58 -7.94 -22.73 -13.82
C LEU B 58 -8.46 -22.15 -12.51
N ILE B 59 -9.75 -22.34 -12.24
CA ILE B 59 -10.36 -21.83 -11.03
C ILE B 59 -10.69 -22.96 -10.07
N ASP B 60 -10.18 -22.89 -8.84
CA ASP B 60 -10.36 -23.98 -7.90
C ASP B 60 -11.67 -23.84 -7.16
N LYS B 61 -11.93 -24.79 -6.27
CA LYS B 61 -13.26 -24.93 -5.68
C LYS B 61 -13.63 -23.74 -4.79
N ASN B 62 -12.62 -22.96 -4.38
CA ASN B 62 -12.84 -21.81 -3.50
C ASN B 62 -12.74 -20.49 -4.26
N GLY B 63 -12.59 -20.56 -5.58
CA GLY B 63 -12.65 -19.38 -6.41
C GLY B 63 -11.29 -18.81 -6.80
N TYR B 64 -10.22 -19.48 -6.38
CA TYR B 64 -8.87 -18.99 -6.68
C TYR B 64 -8.47 -19.36 -8.12
N VAL B 65 -7.87 -18.42 -8.82
CA VAL B 65 -7.16 -18.73 -10.06
C VAL B 65 -5.80 -19.36 -9.72
N VAL B 66 -5.58 -20.57 -10.22
CA VAL B 66 -4.48 -21.41 -9.76
C VAL B 66 -3.87 -22.14 -10.96
N ALA B 67 -2.54 -22.21 -11.01
CA ALA B 67 -1.84 -23.00 -12.01
C ALA B 67 -2.11 -24.47 -11.82
N GLN B 68 -2.39 -25.15 -12.91
CA GLN B 68 -2.55 -26.58 -12.92
C GLN B 68 -1.76 -27.00 -14.16
N THR B 69 -0.67 -27.69 -13.95
CA THR B 69 0.21 -28.12 -15.01
C THR B 69 -0.21 -29.46 -15.56
N LEU B 70 -0.62 -29.46 -16.80
CA LEU B 70 -1.14 -30.63 -17.45
C LEU B 70 -0.55 -30.96 -18.81
N PRO B 71 -0.58 -32.24 -19.17
CA PRO B 71 -0.13 -32.75 -20.46
C PRO B 71 -1.07 -32.38 -21.59
N LEU B 72 -0.59 -31.58 -22.51
CA LEU B 72 -1.35 -31.16 -23.67
C LEU B 72 -0.73 -31.72 -24.95
N PRO B 73 -1.55 -32.06 -25.94
CA PRO B 73 -1.02 -32.61 -27.19
C PRO B 73 -0.03 -31.67 -27.87
N LYS B 74 1.00 -32.24 -28.48
CA LYS B 74 1.92 -31.47 -29.34
C LYS B 74 1.13 -30.58 -30.30
N SER B 75 1.58 -29.35 -30.45
CA SER B 75 0.84 -28.36 -31.20
C SER B 75 1.79 -27.40 -31.89
N GLU B 76 1.34 -26.82 -33.00
CA GLU B 76 2.13 -25.84 -33.73
C GLU B 76 1.53 -24.45 -33.57
N SER B 77 0.59 -24.31 -32.64
CA SER B 77 0.22 -23.00 -32.12
C SER B 77 0.03 -23.08 -30.61
N THR B 78 1.14 -23.14 -29.88
CA THR B 78 1.11 -23.57 -28.48
C THR B 78 0.48 -22.52 -27.55
N ALA B 79 0.78 -21.25 -27.79
CA ALA B 79 0.22 -20.17 -26.98
C ALA B 79 -1.29 -20.12 -27.15
N LYS B 80 -1.74 -20.23 -28.38
CA LYS B 80 -3.15 -20.29 -28.69
C LYS B 80 -3.80 -21.54 -28.07
N GLN B 81 -3.10 -22.66 -28.13
CA GLN B 81 -3.62 -23.91 -27.58
C GLN B 81 -3.85 -23.79 -26.09
N ALA B 82 -2.94 -23.14 -25.39
CA ALA B 82 -3.06 -22.96 -23.94
C ALA B 82 -4.37 -22.26 -23.58
N LEU B 83 -4.69 -21.19 -24.31
CA LEU B 83 -5.94 -20.48 -24.11
C LEU B 83 -7.15 -21.35 -24.46
N GLU B 84 -7.01 -22.14 -25.51
CA GLU B 84 -8.10 -23.02 -25.94
C GLU B 84 -8.43 -24.05 -24.84
N TYR B 85 -7.42 -24.40 -24.05
CA TYR B 85 -7.62 -25.34 -22.96
C TYR B 85 -8.11 -24.66 -21.68
N LEU B 86 -8.49 -23.39 -21.79
CA LEU B 86 -9.20 -22.71 -20.72
C LEU B 86 -10.70 -22.68 -20.98
N VAL B 87 -11.11 -23.14 -22.16
CA VAL B 87 -12.49 -22.94 -22.60
C VAL B 87 -13.40 -24.02 -22.03
N GLN B 88 -14.47 -23.57 -21.39
CA GLN B 88 -15.46 -24.46 -20.81
C GLN B 88 -16.06 -25.30 -21.90
N GLY B 89 -16.07 -26.60 -21.70
CA GLY B 89 -16.65 -27.47 -22.69
C GLY B 89 -15.75 -27.89 -23.81
N GLY B 90 -14.52 -27.41 -23.81
CA GLY B 90 -13.56 -27.72 -24.83
C GLY B 90 -12.73 -28.91 -24.48
N PRO B 91 -11.53 -29.01 -25.04
CA PRO B 91 -10.73 -30.19 -24.74
C PRO B 91 -10.25 -30.39 -23.32
N VAL B 92 -10.26 -29.37 -22.47
CA VAL B 92 -9.84 -29.48 -21.09
C VAL B 92 -10.76 -30.34 -20.24
N SER B 93 -12.02 -30.40 -20.59
CA SER B 93 -13.02 -31.15 -19.85
C SER B 93 -12.62 -32.57 -19.67
N GLU B 94 -11.86 -33.08 -20.61
CA GLU B 94 -11.39 -34.47 -20.55
C GLU B 94 -10.30 -34.65 -19.49
N ILE B 95 -9.56 -33.60 -19.19
CA ILE B 95 -8.40 -33.71 -18.31
C ILE B 95 -8.51 -32.79 -17.10
N LEU B 96 -9.71 -32.29 -16.86
CA LEU B 96 -9.94 -31.30 -15.80
C LEU B 96 -9.77 -31.93 -14.42
N PRO B 97 -8.77 -31.47 -13.65
CA PRO B 97 -8.54 -32.07 -12.33
C PRO B 97 -9.71 -31.83 -11.37
N ASN B 98 -9.91 -32.76 -10.44
CA ASN B 98 -11.01 -32.64 -9.50
C ASN B 98 -10.84 -31.40 -8.62
N GLY B 99 -11.92 -30.65 -8.46
CA GLY B 99 -11.89 -29.44 -7.64
C GLY B 99 -11.49 -28.20 -8.43
N PHE B 100 -11.47 -28.32 -9.76
CA PHE B 100 -11.19 -27.18 -10.61
C PHE B 100 -12.22 -27.05 -11.73
N ARG B 101 -12.42 -25.83 -12.23
CA ARG B 101 -13.29 -25.61 -13.38
C ARG B 101 -12.60 -24.75 -14.44
N ALA B 102 -13.10 -24.85 -15.67
CA ALA B 102 -12.61 -24.05 -16.78
C ALA B 102 -12.99 -22.59 -16.60
N VAL B 103 -12.52 -21.74 -17.50
CA VAL B 103 -12.50 -20.29 -17.26
C VAL B 103 -13.29 -19.54 -18.32
N LEU B 104 -12.97 -19.78 -19.58
CA LEU B 104 -13.60 -19.04 -20.68
C LEU B 104 -14.94 -19.66 -21.05
N PRO B 105 -15.89 -18.82 -21.51
CA PRO B 105 -17.20 -19.31 -21.93
C PRO B 105 -17.13 -20.28 -23.10
N ALA B 106 -18.08 -21.22 -23.15
CA ALA B 106 -18.11 -22.23 -24.20
C ALA B 106 -18.07 -21.61 -25.59
N ASP B 107 -17.32 -22.24 -26.49
CA ASP B 107 -17.32 -21.86 -27.89
C ASP B 107 -16.57 -20.56 -28.16
N THR B 108 -15.83 -20.09 -27.16
CA THR B 108 -14.86 -19.03 -27.37
C THR B 108 -13.69 -19.55 -28.22
N THR B 109 -13.35 -18.79 -29.26
CA THR B 109 -12.14 -19.05 -30.04
C THR B 109 -11.22 -17.85 -29.93
N VAL B 110 -9.96 -18.03 -30.32
CA VAL B 110 -8.98 -16.98 -30.14
C VAL B 110 -7.84 -17.06 -31.14
N ASN B 111 -7.35 -15.89 -31.55
CA ASN B 111 -6.07 -15.78 -32.25
C ASN B 111 -5.06 -15.10 -31.35
N VAL B 112 -3.81 -15.52 -31.44
CA VAL B 112 -2.76 -14.93 -30.64
C VAL B 112 -1.63 -14.44 -31.53
N ASP B 113 -1.36 -13.13 -31.47
CA ASP B 113 -0.27 -12.54 -32.21
C ASP B 113 0.85 -12.09 -31.26
N ILE B 114 1.99 -12.76 -31.31
CA ILE B 114 3.10 -12.49 -30.40
C ILE B 114 4.10 -11.52 -31.05
N LYS B 115 4.21 -10.31 -30.49
CA LYS B 115 5.10 -9.29 -31.02
C LYS B 115 6.50 -9.40 -30.47
N LYS B 116 7.42 -8.63 -31.04
CA LYS B 116 8.84 -8.77 -30.72
C LYS B 116 9.16 -8.13 -29.36
N ASP B 117 8.35 -7.17 -28.95
CA ASP B 117 8.55 -6.51 -27.66
C ASP B 117 8.06 -7.36 -26.49
N GLY B 118 7.49 -8.53 -26.77
CA GLY B 118 7.03 -9.43 -25.73
C GLY B 118 5.53 -9.37 -25.50
N THR B 119 4.84 -8.56 -26.30
CA THR B 119 3.39 -8.40 -26.16
C THR B 119 2.67 -9.46 -26.97
N ALA B 120 1.74 -10.16 -26.32
CA ALA B 120 0.85 -11.06 -27.03
C ALA B 120 -0.53 -10.45 -27.11
N ILE B 121 -1.08 -10.43 -28.30
CA ILE B 121 -2.42 -9.89 -28.51
C ILE B 121 -3.38 -11.06 -28.68
N ALA B 122 -4.29 -11.19 -27.71
CA ALA B 122 -5.25 -12.29 -27.72
C ALA B 122 -6.58 -11.74 -28.20
N ASP B 123 -6.97 -12.17 -29.39
CA ASP B 123 -8.16 -11.65 -30.05
C ASP B 123 -9.24 -12.71 -30.00
N PHE B 124 -10.28 -12.44 -29.21
CA PHE B 124 -11.28 -13.46 -28.89
C PHE B 124 -12.52 -13.29 -29.74
N SER B 125 -13.23 -14.39 -29.97
CA SER B 125 -14.55 -14.34 -30.59
C SER B 125 -15.59 -13.74 -29.62
N ASN B 126 -16.81 -13.57 -30.10
CA ASN B 126 -17.82 -12.85 -29.34
C ASN B 126 -18.36 -13.65 -28.16
N GLU B 127 -18.19 -14.96 -28.19
CA GLU B 127 -18.58 -15.80 -27.05
C GLU B 127 -17.79 -15.45 -25.77
N PHE B 128 -16.65 -14.81 -25.95
CA PHE B 128 -15.84 -14.35 -24.82
C PHE B 128 -16.65 -13.50 -23.84
N LYS B 129 -17.72 -12.89 -24.33
CA LYS B 129 -18.53 -12.00 -23.52
C LYS B 129 -19.48 -12.75 -22.60
N ASN B 130 -19.65 -14.07 -22.82
CA ASN B 130 -20.70 -14.83 -22.17
C ASN B 130 -20.27 -15.43 -20.83
N TYR B 131 -19.70 -14.60 -19.95
CA TYR B 131 -19.29 -15.06 -18.63
C TYR B 131 -20.12 -14.37 -17.54
N LYS B 132 -20.10 -14.92 -16.33
CA LYS B 132 -20.78 -14.29 -15.21
C LYS B 132 -19.92 -13.16 -14.63
N LYS B 133 -20.58 -12.09 -14.20
CA LYS B 133 -19.87 -10.90 -13.72
C LYS B 133 -18.88 -11.24 -12.61
N GLU B 134 -19.27 -12.20 -11.77
CA GLU B 134 -18.43 -12.68 -10.67
C GLU B 134 -17.04 -13.13 -11.11
N ASP B 135 -16.93 -13.60 -12.35
CA ASP B 135 -15.70 -14.23 -12.81
C ASP B 135 -14.83 -13.29 -13.63
N GLU B 136 -15.27 -12.05 -13.80
CA GLU B 136 -14.61 -11.12 -14.70
C GLU B 136 -13.12 -10.99 -14.43
N GLN B 137 -12.75 -10.78 -13.19
CA GLN B 137 -11.37 -10.63 -12.82
C GLN B 137 -10.59 -11.92 -12.94
N LYS B 138 -11.24 -13.04 -12.68
CA LYS B 138 -10.59 -14.32 -12.80
C LYS B 138 -10.18 -14.55 -14.25
N ILE B 139 -11.05 -14.22 -15.18
CA ILE B 139 -10.80 -14.37 -16.57
C ILE B 139 -9.57 -13.58 -17.03
N VAL B 140 -9.51 -12.30 -16.73
CA VAL B 140 -8.38 -11.51 -17.10
C VAL B 140 -7.09 -12.06 -16.53
N GLN B 141 -7.10 -12.47 -15.27
CA GLN B 141 -5.91 -13.02 -14.64
C GLN B 141 -5.50 -14.35 -15.23
N SER B 142 -6.47 -15.21 -15.50
CA SER B 142 -6.21 -16.53 -16.06
C SER B 142 -5.54 -16.41 -17.43
N VAL B 143 -6.13 -15.59 -18.30
CA VAL B 143 -5.57 -15.38 -19.64
C VAL B 143 -4.16 -14.80 -19.53
N THR B 144 -4.00 -13.82 -18.65
CA THR B 144 -2.73 -13.13 -18.50
C THR B 144 -1.65 -14.09 -18.03
N TRP B 145 -1.97 -14.87 -17.01
CA TRP B 145 -0.98 -15.74 -16.39
C TRP B 145 -0.69 -16.95 -17.27
N THR B 146 -1.69 -17.40 -18.01
CA THR B 146 -1.50 -18.53 -18.90
C THR B 146 -0.60 -18.15 -20.09
N LEU B 147 -0.82 -16.97 -20.67
CA LEU B 147 0.00 -16.53 -21.79
C LEU B 147 1.43 -16.22 -21.37
N THR B 148 1.60 -15.62 -20.18
CA THR B 148 2.91 -15.15 -19.74
C THR B 148 3.78 -16.25 -19.16
N GLN B 149 3.29 -17.48 -19.16
CA GLN B 149 4.15 -18.61 -18.81
C GLN B 149 5.25 -18.81 -19.86
N PHE B 150 5.03 -18.31 -21.07
CA PHE B 150 6.02 -18.46 -22.16
C PHE B 150 7.07 -17.36 -22.09
N SER B 151 8.32 -17.71 -22.38
CA SER B 151 9.41 -16.73 -22.29
C SER B 151 9.26 -15.61 -23.32
N SER B 152 8.52 -15.87 -24.39
CA SER B 152 8.34 -14.88 -25.45
C SER B 152 7.18 -13.93 -25.18
N ILE B 153 6.42 -14.19 -24.12
CA ILE B 153 5.29 -13.32 -23.75
C ILE B 153 5.40 -12.81 -22.32
N ASP B 154 5.46 -11.49 -22.14
CA ASP B 154 5.41 -10.93 -20.79
C ASP B 154 4.36 -9.83 -20.64
N LYS B 155 3.64 -9.53 -21.73
CA LYS B 155 2.55 -8.57 -21.68
C LYS B 155 1.44 -9.09 -22.55
N VAL B 156 0.21 -8.74 -22.19
CA VAL B 156 -0.95 -9.25 -22.88
C VAL B 156 -1.90 -8.11 -23.18
N LYS B 157 -2.41 -8.12 -24.41
CA LYS B 157 -3.41 -7.18 -24.84
C LYS B 157 -4.62 -7.97 -25.30
N LEU B 158 -5.78 -7.51 -24.91
CA LEU B 158 -6.98 -8.19 -25.20
C LEU B 158 -7.80 -7.49 -26.25
N ARG B 159 -8.40 -8.27 -27.10
CA ARG B 159 -9.25 -7.76 -28.12
C ARG B 159 -10.40 -8.71 -28.29
N ILE B 160 -11.52 -8.18 -28.71
CA ILE B 160 -12.67 -8.99 -28.99
C ILE B 160 -13.03 -8.65 -30.41
N ASN B 161 -13.02 -9.64 -31.30
CA ASN B 161 -13.30 -9.45 -32.71
C ASN B 161 -12.54 -8.29 -33.34
N GLY B 162 -11.26 -8.16 -33.07
CA GLY B 162 -10.48 -7.09 -33.64
C GLY B 162 -10.45 -5.80 -32.86
N HIS B 163 -11.48 -5.52 -32.10
CA HIS B 163 -11.56 -4.29 -31.37
C HIS B 163 -10.74 -4.25 -30.12
N GLU B 164 -10.06 -3.14 -29.91
CA GLU B 164 -9.25 -2.91 -28.75
C GLU B 164 -10.20 -2.77 -27.55
N LEU B 165 -9.89 -3.43 -26.45
CA LEU B 165 -10.74 -3.35 -25.26
C LEU B 165 -10.18 -2.42 -24.21
N LYS B 166 -10.95 -1.44 -23.78
CA LYS B 166 -10.47 -0.55 -22.74
C LYS B 166 -10.94 -1.08 -21.40
N GLU B 167 -12.05 -1.78 -21.41
CA GLU B 167 -12.60 -2.43 -20.24
C GLU B 167 -13.25 -3.76 -20.61
N MET B 168 -13.42 -4.63 -19.62
CA MET B 168 -14.10 -5.90 -19.83
C MET B 168 -15.59 -5.63 -19.99
N PRO B 169 -16.25 -6.41 -20.86
CA PRO B 169 -17.57 -6.03 -21.38
C PRO B 169 -18.69 -6.09 -20.34
N VAL B 170 -18.68 -7.12 -19.50
CA VAL B 170 -19.82 -7.40 -18.64
C VAL B 170 -19.89 -6.45 -17.44
N GLY B 171 -18.75 -6.25 -16.77
CA GLY B 171 -18.74 -5.50 -15.51
C GLY B 171 -17.82 -4.28 -15.52
N GLY B 172 -17.10 -4.09 -16.62
CA GLY B 172 -16.36 -2.84 -16.82
C GLY B 172 -15.02 -2.77 -16.12
N THR B 173 -14.47 -3.92 -15.72
CA THR B 173 -13.12 -3.96 -15.20
C THR B 173 -12.15 -3.34 -16.20
N PRO B 174 -11.41 -2.31 -15.79
CA PRO B 174 -10.47 -1.66 -16.71
C PRO B 174 -9.33 -2.59 -17.10
N ILE B 175 -8.99 -2.62 -18.37
CA ILE B 175 -7.84 -3.36 -18.83
C ILE B 175 -7.07 -2.51 -19.82
N SER B 176 -5.75 -2.41 -19.64
CA SER B 176 -4.91 -1.73 -20.61
C SER B 176 -4.49 -2.69 -21.72
N ASP B 177 -3.61 -2.22 -22.60
CA ASP B 177 -2.97 -3.08 -23.58
C ASP B 177 -1.69 -3.71 -23.01
N ASP B 178 -1.57 -3.70 -21.69
CA ASP B 178 -0.28 -3.83 -21.02
C ASP B 178 -0.36 -4.87 -19.88
N LEU B 179 -1.35 -5.75 -19.94
CA LEU B 179 -1.61 -6.69 -18.86
C LEU B 179 -0.41 -7.60 -18.60
N SER B 180 -0.01 -7.72 -17.34
CA SER B 180 1.04 -8.66 -16.97
C SER B 180 0.81 -9.27 -15.59
N ARG B 181 1.75 -10.10 -15.16
CA ARG B 181 1.66 -10.72 -13.84
C ARG B 181 1.77 -9.68 -12.74
N LYS B 182 2.23 -8.48 -13.09
CA LYS B 182 2.32 -7.37 -12.14
C LYS B 182 0.95 -6.82 -11.79
N ASP B 183 -0.04 -7.10 -12.63
CA ASP B 183 -1.42 -6.72 -12.34
C ASP B 183 -2.00 -7.56 -11.19
N GLY B 184 -1.26 -8.57 -10.75
CA GLY B 184 -1.65 -9.36 -9.60
C GLY B 184 -2.62 -10.48 -9.93
N ILE B 185 -2.96 -11.27 -8.94
CA ILE B 185 -3.82 -12.42 -9.11
C ILE B 185 -4.43 -12.73 -7.76
N ASN B 186 -5.70 -13.10 -7.73
CA ASN B 186 -6.44 -13.38 -6.51
C ASN B 186 -6.22 -12.29 -5.46
N LEU B 187 -6.52 -11.02 -5.91
CA LEU B 187 -6.31 -9.85 -5.09
C LEU B 187 -7.07 -9.85 -3.78
N GLU B 188 -6.35 -9.57 -2.66
CA GLU B 188 -6.98 -9.44 -1.38
C GLU B 188 -7.80 -8.17 -1.46
N THR B 189 -9.10 -8.30 -1.52
CA THR B 189 -9.98 -7.16 -1.66
C THR B 189 -10.87 -6.88 -0.46
N ALA B 190 -10.66 -7.58 0.62
CA ALA B 190 -11.46 -7.37 1.80
C ALA B 190 -11.11 -6.08 2.51
N GLY B 191 -12.09 -5.36 2.99
CA GLY B 191 -11.82 -4.17 3.79
C GLY B 191 -11.47 -2.98 2.91
N VAL B 192 -11.08 -1.88 3.55
CA VAL B 192 -10.73 -0.68 2.81
C VAL B 192 -9.27 -0.75 2.39
N ASN B 193 -9.03 -0.67 1.10
CA ASN B 193 -7.67 -0.74 0.57
C ASN B 193 -7.30 0.56 -0.12
N ASP B 194 -6.38 1.29 0.49
CA ASP B 194 -5.87 2.53 -0.05
C ASP B 194 -4.82 2.24 -1.12
N LEU B 195 -5.24 2.35 -2.38
CA LEU B 195 -4.39 2.03 -3.52
C LEU B 195 -3.29 3.09 -3.75
N THR B 196 -3.42 4.26 -3.15
CA THR B 196 -2.39 5.29 -3.26
C THR B 196 -1.25 5.03 -2.28
N ALA B 197 -1.55 4.30 -1.21
CA ALA B 197 -0.60 4.12 -0.11
C ALA B 197 -0.01 2.71 -0.07
N THR B 198 -0.42 1.86 -1.00
CA THR B 198 0.05 0.48 -1.00
C THR B 198 0.44 0.05 -2.41
N HIS B 199 1.21 -1.03 -2.50
CA HIS B 199 1.53 -1.63 -3.78
C HIS B 199 1.28 -3.13 -3.72
N PRO B 200 0.99 -3.74 -4.87
CA PRO B 200 0.71 -5.17 -4.92
C PRO B 200 1.95 -6.02 -4.71
N LEU B 201 1.81 -7.12 -4.00
CA LEU B 201 2.89 -8.09 -3.87
C LEU B 201 2.30 -9.49 -3.80
N THR B 202 2.71 -10.33 -4.73
CA THR B 202 2.17 -11.67 -4.85
C THR B 202 2.96 -12.64 -3.98
N VAL B 203 2.22 -13.40 -3.17
CA VAL B 203 2.79 -14.34 -2.23
C VAL B 203 2.08 -15.70 -2.40
N TYR B 204 2.83 -16.79 -2.32
CA TYR B 204 2.25 -18.12 -2.52
C TYR B 204 1.91 -18.80 -1.19
N TYR B 205 0.67 -19.25 -1.08
CA TYR B 205 0.24 -20.04 0.05
C TYR B 205 -0.19 -21.43 -0.42
N LEU B 206 -0.62 -22.27 0.52
CA LEU B 206 -0.97 -23.64 0.18
C LEU B 206 -2.46 -23.89 0.34
N ALA B 207 -3.00 -24.65 -0.60
CA ALA B 207 -4.34 -25.21 -0.45
C ALA B 207 -4.26 -26.72 -0.58
N GLU B 208 -5.31 -27.39 -0.10
CA GLU B 208 -5.43 -28.84 -0.24
C GLU B 208 -6.83 -29.22 -0.73
N ASN B 209 -6.91 -30.31 -1.49
CA ASN B 209 -8.16 -31.04 -1.62
C ASN B 209 -7.91 -32.52 -1.41
N GLU B 210 -8.90 -33.34 -1.71
CA GLU B 210 -8.77 -34.78 -1.52
C GLU B 210 -7.43 -35.29 -2.04
N ASP B 211 -7.09 -34.93 -3.27
CA ASP B 211 -6.02 -35.62 -3.99
C ASP B 211 -4.77 -34.77 -4.25
N SER B 212 -4.62 -33.65 -3.57
CA SER B 212 -3.53 -32.71 -3.89
C SER B 212 -3.34 -31.62 -2.83
N GLU B 213 -2.08 -31.31 -2.51
CA GLU B 213 -1.73 -29.97 -2.08
C GLU B 213 -1.22 -29.19 -3.29
N TYR B 214 -1.55 -27.91 -3.35
CA TYR B 214 -1.09 -27.09 -4.46
C TYR B 214 -0.85 -25.65 -4.02
N TYR B 215 -0.11 -24.91 -4.84
CA TYR B 215 0.36 -23.59 -4.48
C TYR B 215 -0.51 -22.51 -5.10
N VAL B 216 -1.03 -21.63 -4.24
CA VAL B 216 -1.95 -20.60 -4.67
C VAL B 216 -1.31 -19.23 -4.49
N PRO B 217 -1.23 -18.45 -5.55
CA PRO B 217 -0.67 -17.12 -5.44
C PRO B 217 -1.72 -16.13 -5.02
N VAL B 218 -1.37 -15.25 -4.11
CA VAL B 218 -2.28 -14.25 -3.62
C VAL B 218 -1.59 -12.90 -3.63
N THR B 219 -2.23 -11.90 -4.20
CA THR B 219 -1.64 -10.58 -4.24
C THR B 219 -2.14 -9.73 -3.11
N LYS B 220 -1.25 -9.39 -2.21
CA LYS B 220 -1.58 -8.57 -1.07
C LYS B 220 -1.24 -7.11 -1.32
N ARG B 221 -1.72 -6.22 -0.47
CA ARG B 221 -1.38 -4.83 -0.58
C ARG B 221 -0.34 -4.53 0.48
N ILE B 222 0.81 -4.06 0.07
CA ILE B 222 1.93 -3.78 0.95
C ILE B 222 2.09 -2.27 1.09
N ASP B 223 2.27 -1.83 2.33
CA ASP B 223 2.48 -0.41 2.61
C ASP B 223 3.67 0.10 1.83
N ASN B 224 3.51 1.27 1.22
CA ASN B 224 4.53 1.83 0.34
C ASN B 224 5.79 2.25 1.10
N SER B 225 5.67 2.37 2.42
CA SER B 225 6.82 2.67 3.24
C SER B 225 7.81 1.49 3.25
N GLU B 226 7.33 0.28 2.97
CA GLU B 226 8.21 -0.86 2.76
C GLU B 226 8.73 -0.86 1.33
N LYS B 227 10.03 -0.60 1.17
CA LYS B 227 10.63 -0.60 -0.16
C LYS B 227 11.52 -1.82 -0.38
N ASP B 228 11.55 -2.72 0.60
CA ASP B 228 12.21 -4.02 0.42
C ASP B 228 11.16 -5.14 0.32
N ASP B 229 10.84 -5.52 -0.90
CA ASP B 229 9.75 -6.44 -1.16
C ASP B 229 10.17 -7.88 -0.93
N ILE B 230 11.48 -8.13 -0.85
CA ILE B 230 11.98 -9.45 -0.51
C ILE B 230 11.66 -9.73 0.94
N THR B 231 12.01 -8.78 1.81
CA THR B 231 11.74 -8.91 3.23
C THR B 231 10.23 -8.91 3.49
N ALA B 232 9.50 -8.04 2.78
CA ALA B 232 8.04 -7.99 2.90
C ALA B 232 7.43 -9.34 2.56
N ALA B 233 7.86 -9.93 1.45
CA ALA B 233 7.35 -11.22 1.03
C ALA B 233 7.58 -12.30 2.09
N ILE B 234 8.79 -12.35 2.64
CA ILE B 234 9.11 -13.32 3.69
C ILE B 234 8.24 -13.10 4.92
N ASN B 235 8.08 -11.84 5.31
CA ASN B 235 7.24 -11.51 6.46
C ASN B 235 5.79 -11.94 6.23
N GLU B 236 5.30 -11.76 5.00
CA GLU B 236 3.93 -12.15 4.69
C GLU B 236 3.79 -13.67 4.67
N LEU B 237 4.83 -14.37 4.23
CA LEU B 237 4.82 -15.84 4.26
C LEU B 237 4.72 -16.36 5.71
N ALA B 238 5.45 -15.71 6.61
CA ALA B 238 5.44 -16.07 8.02
C ALA B 238 4.09 -15.76 8.69
N LYS B 239 3.50 -14.63 8.31
CA LYS B 239 2.20 -14.24 8.86
C LYS B 239 1.08 -15.15 8.39
N GLY B 240 1.16 -15.61 7.15
CA GLY B 240 0.16 -16.51 6.60
C GLY B 240 -0.93 -15.75 5.88
N PRO B 241 -1.89 -16.48 5.28
CA PRO B 241 -2.98 -15.88 4.52
C PRO B 241 -4.08 -15.28 5.41
N SER B 242 -5.07 -14.65 4.79
CA SER B 242 -6.26 -14.22 5.52
C SER B 242 -6.92 -15.40 6.23
N LYS B 243 -7.60 -15.10 7.33
CA LYS B 243 -8.32 -16.13 8.07
C LYS B 243 -9.55 -16.58 7.30
N VAL B 244 -9.84 -17.87 7.40
CA VAL B 244 -10.97 -18.46 6.73
C VAL B 244 -10.92 -18.24 5.21
N SER B 245 -9.74 -18.40 4.62
CA SER B 245 -9.52 -18.13 3.20
C SER B 245 -9.42 -19.42 2.38
N GLY B 246 -9.38 -20.55 3.07
CA GLY B 246 -9.12 -21.84 2.44
C GLY B 246 -7.65 -22.11 2.20
N LEU B 247 -6.80 -21.22 2.68
CA LEU B 247 -5.35 -21.34 2.45
C LEU B 247 -4.60 -21.50 3.78
N LEU B 248 -3.37 -22.01 3.69
CA LEU B 248 -2.47 -22.01 4.84
C LEU B 248 -1.05 -21.66 4.43
N THR B 249 -0.19 -21.45 5.43
CA THR B 249 1.25 -21.41 5.21
C THR B 249 1.89 -22.48 6.08
N ASP B 250 2.98 -23.08 5.60
CA ASP B 250 3.74 -24.03 6.43
C ASP B 250 4.84 -23.32 7.19
N PHE B 251 4.95 -22.00 7.03
CA PHE B 251 5.87 -21.21 7.84
C PHE B 251 5.43 -21.21 9.29
N SER B 252 6.40 -21.33 10.19
CA SER B 252 6.20 -20.89 11.56
C SER B 252 6.11 -19.36 11.60
N GLU B 253 5.25 -18.85 12.45
CA GLU B 253 5.05 -17.41 12.57
C GLU B 253 6.31 -16.72 13.11
N ASP B 254 7.21 -17.48 13.71
CA ASP B 254 8.41 -16.91 14.34
C ASP B 254 9.56 -16.76 13.36
N VAL B 255 9.36 -17.22 12.12
CA VAL B 255 10.39 -17.10 11.10
C VAL B 255 10.73 -15.64 10.87
N LYS B 256 12.03 -15.35 10.89
CA LYS B 256 12.55 -14.02 10.56
C LYS B 256 13.83 -14.15 9.75
N LEU B 257 14.09 -13.18 8.88
CA LEU B 257 15.44 -12.96 8.37
C LEU B 257 16.34 -12.37 9.45
N VAL B 258 17.57 -12.87 9.54
CA VAL B 258 18.53 -12.38 10.52
C VAL B 258 19.62 -11.51 9.87
N SER B 259 19.64 -11.48 8.53
CA SER B 259 20.44 -10.51 7.79
C SER B 259 19.57 -9.85 6.73
N LYS B 260 19.99 -8.68 6.27
CA LYS B 260 19.39 -8.06 5.12
C LYS B 260 19.56 -8.97 3.92
N PRO B 261 18.50 -9.12 3.11
CA PRO B 261 18.64 -9.88 1.88
C PRO B 261 19.80 -9.37 1.04
N LYS B 262 20.47 -10.27 0.34
CA LYS B 262 21.50 -9.90 -0.61
C LYS B 262 21.00 -10.31 -1.99
N ILE B 263 21.13 -9.41 -2.96
CA ILE B 263 20.84 -9.77 -4.34
C ILE B 263 21.98 -9.38 -5.27
N LYS B 264 22.29 -10.26 -6.17
CA LYS B 264 23.39 -10.08 -7.06
C LYS B 264 23.14 -10.89 -8.29
N ASP B 265 22.94 -10.21 -9.40
CA ASP B 265 22.66 -10.81 -10.69
C ASP B 265 21.52 -11.81 -10.67
N GLY B 266 20.43 -11.45 -10.02
CA GLY B 266 19.28 -12.32 -9.96
C GLY B 266 19.25 -13.36 -8.87
N ARG B 267 20.36 -13.51 -8.17
CA ARG B 267 20.46 -14.46 -7.10
C ARG B 267 20.21 -13.77 -5.78
N VAL B 268 19.19 -14.23 -5.07
CA VAL B 268 18.87 -13.68 -3.80
C VAL B 268 19.37 -14.62 -2.72
N THR B 269 20.02 -14.10 -1.71
CA THR B 269 20.48 -14.92 -0.60
C THR B 269 19.75 -14.53 0.68
N LEU B 270 19.07 -15.51 1.26
CA LEU B 270 18.32 -15.28 2.49
C LEU B 270 19.00 -15.93 3.68
N ASP B 271 18.96 -15.25 4.80
CA ASP B 271 19.59 -15.76 6.02
C ASP B 271 18.51 -15.81 7.11
N PHE B 272 18.11 -17.02 7.50
CA PHE B 272 16.95 -17.21 8.38
C PHE B 272 17.40 -17.48 9.82
N ASN B 273 16.47 -17.29 10.76
CA ASN B 273 16.63 -17.85 12.10
C ASN B 273 16.21 -19.30 12.11
N GLN B 274 16.28 -19.93 13.27
CA GLN B 274 16.16 -21.39 13.38
C GLN B 274 14.73 -21.85 13.14
N SER B 275 13.78 -20.93 13.21
CA SER B 275 12.38 -21.27 13.03
C SER B 275 12.05 -21.71 11.61
N ILE B 276 12.98 -21.48 10.69
CA ILE B 276 12.76 -21.89 9.30
C ILE B 276 12.75 -23.41 9.16
N PHE B 277 13.39 -24.11 10.10
CA PHE B 277 13.38 -25.57 10.08
C PHE B 277 12.82 -26.11 11.39
N THR B 284 19.96 -33.02 11.88
CA THR B 284 19.86 -32.33 10.60
C THR B 284 18.90 -31.15 10.68
N LYS B 285 19.11 -30.20 9.78
CA LYS B 285 18.27 -29.01 9.69
C LYS B 285 17.53 -29.04 8.37
N MET B 286 16.36 -29.65 8.39
CA MET B 286 15.57 -29.84 7.20
C MET B 286 14.57 -28.69 7.04
N ILE B 287 14.47 -28.18 5.83
CA ILE B 287 13.47 -27.18 5.50
C ILE B 287 12.39 -27.89 4.68
N SER B 288 11.13 -27.68 5.04
CA SER B 288 10.03 -28.40 4.40
C SER B 288 9.88 -27.95 2.97
N SER B 289 9.35 -28.84 2.14
CA SER B 289 9.13 -28.55 0.73
C SER B 289 8.17 -27.40 0.56
N GLU B 290 7.16 -27.34 1.43
CA GLU B 290 6.11 -26.34 1.33
C GLU B 290 6.71 -24.96 1.61
N VAL B 291 7.61 -24.89 2.57
CA VAL B 291 8.27 -23.64 2.92
C VAL B 291 9.21 -23.22 1.80
N LEU B 292 10.04 -24.15 1.33
CA LEU B 292 11.04 -23.85 0.31
C LEU B 292 10.41 -23.46 -1.02
N ASN B 293 9.41 -24.23 -1.47
CA ASN B 293 8.72 -23.92 -2.71
C ASN B 293 7.98 -22.58 -2.64
N SER B 294 7.35 -22.30 -1.49
CA SER B 294 6.68 -21.03 -1.27
C SER B 294 7.66 -19.86 -1.42
N ILE B 295 8.84 -20.00 -0.80
CA ILE B 295 9.84 -18.95 -0.88
C ILE B 295 10.23 -18.71 -2.33
N VAL B 296 10.53 -19.79 -3.04
CA VAL B 296 11.08 -19.68 -4.39
C VAL B 296 10.03 -19.18 -5.37
N LEU B 297 8.82 -19.71 -5.29
CA LEU B 297 7.75 -19.29 -6.17
C LEU B 297 7.44 -17.80 -5.93
N THR B 298 7.47 -17.39 -4.67
CA THR B 298 7.09 -16.04 -4.30
C THR B 298 8.15 -15.05 -4.79
N LEU B 299 9.41 -15.33 -4.46
CA LEU B 299 10.49 -14.43 -4.80
C LEU B 299 10.73 -14.32 -6.32
N THR B 300 10.59 -15.43 -7.03
CA THR B 300 10.82 -15.41 -8.48
C THR B 300 9.65 -14.82 -9.26
N GLU B 301 8.61 -14.35 -8.58
CA GLU B 301 7.61 -13.49 -9.20
C GLU B 301 8.10 -12.06 -9.32
N GLN B 302 9.03 -11.69 -8.47
CA GLN B 302 9.55 -10.36 -8.40
C GLN B 302 10.54 -10.08 -9.52
N PRO B 303 10.55 -8.85 -9.99
CA PRO B 303 11.44 -8.50 -11.08
C PRO B 303 12.88 -8.75 -10.72
N ASP B 304 13.54 -9.35 -11.69
CA ASP B 304 14.94 -9.73 -11.68
C ASP B 304 15.39 -10.86 -10.78
N VAL B 305 14.50 -11.48 -10.04
CA VAL B 305 14.85 -12.60 -9.20
C VAL B 305 14.80 -13.88 -10.01
N LYS B 306 15.89 -14.62 -10.07
CA LYS B 306 15.96 -15.85 -10.85
C LYS B 306 16.20 -17.08 -9.96
N SER B 307 16.82 -16.87 -8.82
CA SER B 307 17.16 -17.97 -7.93
C SER B 307 17.29 -17.50 -6.49
N VAL B 308 17.23 -18.45 -5.56
CA VAL B 308 17.26 -18.14 -4.14
C VAL B 308 18.20 -19.10 -3.43
N SER B 309 19.15 -18.56 -2.70
CA SER B 309 19.98 -19.34 -1.80
C SER B 309 19.54 -19.11 -0.39
N VAL B 310 19.46 -20.19 0.39
CA VAL B 310 18.96 -20.10 1.75
C VAL B 310 20.02 -20.53 2.76
N LYS B 311 20.11 -19.76 3.82
CA LYS B 311 21.03 -19.99 4.89
C LYS B 311 20.30 -19.85 6.20
N VAL B 312 20.90 -20.38 7.25
CA VAL B 312 20.36 -20.28 8.57
C VAL B 312 21.48 -19.82 9.45
N ASN B 313 21.32 -18.65 10.02
CA ASN B 313 22.29 -18.00 10.88
C ASN B 313 23.67 -17.97 10.30
N GLY B 314 23.76 -17.56 9.06
CA GLY B 314 25.00 -17.42 8.35
C GLY B 314 25.54 -18.62 7.62
N LYS B 315 24.94 -19.78 7.82
CA LYS B 315 25.48 -20.96 7.20
C LYS B 315 24.56 -21.68 6.28
N SER B 316 25.12 -22.26 5.24
CA SER B 316 24.36 -23.04 4.29
C SER B 316 24.21 -24.50 4.71
N GLU B 317 23.62 -24.73 5.86
CA GLU B 317 23.42 -26.02 6.48
C GLU B 317 22.10 -26.69 6.23
N LEU B 318 21.24 -26.08 5.45
CA LEU B 318 19.95 -26.64 5.22
C LEU B 318 19.92 -27.75 4.22
N VAL B 319 18.98 -28.64 4.41
CA VAL B 319 18.80 -29.77 3.58
C VAL B 319 17.33 -29.83 3.22
N ASN B 320 16.98 -30.23 2.01
CA ASN B 320 15.58 -30.38 1.69
C ASN B 320 15.02 -31.72 2.18
N GLU B 321 13.76 -31.96 1.93
CA GLU B 321 13.10 -33.20 2.34
C GLU B 321 13.64 -34.46 1.67
N LYS B 322 14.20 -34.33 0.50
CA LYS B 322 14.79 -35.43 -0.23
C LYS B 322 16.22 -35.73 0.17
N GLY B 323 16.76 -35.03 1.14
CA GLY B 323 18.10 -35.24 1.60
C GLY B 323 19.17 -34.42 0.92
N GLU B 324 18.76 -33.60 -0.02
CA GLU B 324 19.69 -32.78 -0.74
C GLU B 324 20.14 -31.52 0.00
N LYS B 325 21.43 -31.38 0.18
CA LYS B 325 21.98 -30.21 0.85
C LYS B 325 21.76 -28.98 -0.02
N LEU B 326 21.32 -27.90 0.59
CA LEU B 326 20.99 -26.69 -0.16
C LEU B 326 22.15 -25.70 -0.08
N THR B 327 23.20 -26.01 -0.81
CA THR B 327 24.39 -25.18 -0.88
C THR B 327 24.44 -24.41 -2.18
N GLU B 328 23.48 -24.63 -3.04
CA GLU B 328 23.39 -23.94 -4.29
C GLU B 328 22.07 -23.19 -4.38
N PRO B 329 22.02 -22.18 -5.22
CA PRO B 329 20.79 -21.43 -5.40
C PRO B 329 19.74 -22.30 -6.01
N VAL B 330 18.52 -22.15 -5.56
CA VAL B 330 17.40 -22.89 -6.08
C VAL B 330 16.64 -22.03 -7.05
N SER B 331 16.29 -22.57 -8.18
CA SER B 331 15.54 -21.82 -9.15
C SER B 331 14.08 -22.23 -9.16
N ARG B 332 13.27 -21.48 -9.88
CA ARG B 332 11.83 -21.70 -9.91
C ARG B 332 11.54 -23.09 -10.44
N PRO B 333 10.63 -23.82 -9.75
CA PRO B 333 10.16 -25.10 -10.29
C PRO B 333 9.71 -24.98 -11.73
N SER B 334 10.05 -25.97 -12.56
CA SER B 334 9.72 -25.91 -13.98
C SER B 334 8.22 -26.10 -14.16
N GLN B 335 7.65 -26.96 -13.34
CA GLN B 335 6.22 -27.24 -13.38
C GLN B 335 5.58 -26.84 -12.07
N VAL B 336 4.79 -25.78 -12.10
CA VAL B 336 4.00 -25.38 -10.93
C VAL B 336 2.71 -26.19 -10.88
N ASN B 337 2.55 -26.95 -9.79
CA ASN B 337 1.29 -27.66 -9.52
C ASN B 337 0.98 -28.68 -10.60
N THR B 338 1.80 -29.73 -10.64
CA THR B 338 1.57 -30.84 -11.55
C THR B 338 0.14 -31.37 -11.50
N VAL C 52 -23.70 28.44 -3.55
CA VAL C 52 -23.05 28.13 -4.80
C VAL C 52 -22.54 26.70 -4.75
N MET C 53 -22.28 26.14 -5.92
CA MET C 53 -21.78 24.81 -6.05
C MET C 53 -20.29 24.89 -5.77
N ARG C 54 -19.81 24.20 -4.76
CA ARG C 54 -18.39 24.26 -4.44
C ARG C 54 -17.64 22.94 -4.48
N GLU C 55 -16.34 23.03 -4.70
CA GLU C 55 -15.46 21.86 -4.73
C GLU C 55 -15.14 21.37 -3.35
N LEU C 56 -15.39 20.11 -3.09
CA LEU C 56 -15.03 19.55 -1.82
C LEU C 56 -14.12 18.39 -2.16
N TYR C 57 -12.91 18.43 -1.65
CA TYR C 57 -11.94 17.38 -1.94
C TYR C 57 -12.05 16.25 -0.95
N LEU C 58 -12.86 15.29 -1.31
CA LEU C 58 -13.09 14.16 -0.44
C LEU C 58 -12.22 12.98 -0.79
N ILE C 59 -12.37 11.93 -0.01
CA ILE C 59 -11.59 10.73 -0.24
C ILE C 59 -12.48 9.63 -0.81
N ASP C 60 -12.11 9.10 -1.98
CA ASP C 60 -12.93 8.10 -2.63
C ASP C 60 -12.64 6.70 -2.09
N LYS C 61 -13.34 5.71 -2.61
CA LYS C 61 -13.33 4.38 -2.03
C LYS C 61 -11.96 3.71 -2.13
N ASN C 62 -11.12 4.21 -3.04
CA ASN C 62 -9.80 3.63 -3.23
C ASN C 62 -8.68 4.48 -2.62
N GLY C 63 -9.07 5.55 -1.93
CA GLY C 63 -8.12 6.34 -1.17
C GLY C 63 -7.64 7.62 -1.86
N TYR C 64 -8.18 7.90 -3.04
CA TYR C 64 -7.82 9.11 -3.77
C TYR C 64 -8.51 10.35 -3.21
N VAL C 65 -7.75 11.43 -3.09
CA VAL C 65 -8.33 12.75 -2.87
C VAL C 65 -8.88 13.29 -4.19
N VAL C 66 -10.18 13.59 -4.19
CA VAL C 66 -10.92 13.84 -5.43
C VAL C 66 -11.93 14.96 -5.19
N ALA C 67 -12.05 15.84 -6.17
CA ALA C 67 -13.05 16.90 -6.12
C ALA C 67 -14.45 16.29 -6.27
N GLN C 68 -15.34 16.67 -5.37
CA GLN C 68 -16.78 16.49 -5.58
C GLN C 68 -17.48 17.83 -5.42
N THR C 69 -18.09 18.32 -6.50
CA THR C 69 -18.69 19.65 -6.49
C THR C 69 -20.14 19.56 -5.98
N LEU C 70 -20.40 20.23 -4.87
CA LEU C 70 -21.65 20.05 -4.13
C LEU C 70 -22.25 21.42 -3.77
N PRO C 71 -23.58 21.48 -3.60
CA PRO C 71 -24.25 22.73 -3.26
C PRO C 71 -24.00 23.14 -1.81
N LEU C 72 -23.39 24.31 -1.63
CA LEU C 72 -23.16 24.83 -0.28
C LEU C 72 -24.01 26.06 -0.03
N PRO C 73 -24.66 26.10 1.15
CA PRO C 73 -25.56 27.22 1.49
C PRO C 73 -24.85 28.56 1.40
N LYS C 74 -25.53 29.57 0.90
CA LYS C 74 -24.99 30.93 0.87
C LYS C 74 -24.39 31.30 2.22
N SER C 75 -23.27 32.00 2.19
CA SER C 75 -22.46 32.19 3.40
C SER C 75 -21.68 33.48 3.30
N GLU C 76 -21.27 34.01 4.46
CA GLU C 76 -20.41 35.18 4.52
C GLU C 76 -18.94 34.77 4.46
N SER C 77 -18.67 33.52 4.83
CA SER C 77 -17.31 32.99 4.82
C SER C 77 -17.26 31.65 4.09
N THR C 78 -17.20 31.71 2.77
CA THR C 78 -17.34 30.53 1.92
C THR C 78 -16.13 29.60 2.02
N ALA C 79 -14.93 30.19 2.13
CA ALA C 79 -13.71 29.41 2.29
C ALA C 79 -13.76 28.58 3.56
N LYS C 80 -14.16 29.23 4.65
CA LYS C 80 -14.32 28.54 5.92
C LYS C 80 -15.42 27.49 5.83
N GLN C 81 -16.45 27.82 5.11
CA GLN C 81 -17.54 26.92 4.94
C GLN C 81 -17.14 25.65 4.23
N ALA C 82 -16.37 25.79 3.17
CA ALA C 82 -15.89 24.64 2.41
C ALA C 82 -15.15 23.68 3.29
N LEU C 83 -14.26 24.20 4.15
CA LEU C 83 -13.52 23.38 5.09
C LEU C 83 -14.47 22.70 6.04
N GLU C 84 -15.47 23.46 6.48
CA GLU C 84 -16.47 22.98 7.40
C GLU C 84 -17.19 21.79 6.86
N TYR C 85 -17.30 21.80 5.45
CA TYR C 85 -17.94 20.68 4.80
C TYR C 85 -17.02 19.49 4.47
N LEU C 86 -15.86 19.39 5.18
CA LEU C 86 -14.94 18.30 4.99
C LEU C 86 -14.91 17.59 6.29
N VAL C 87 -15.67 18.10 7.24
CA VAL C 87 -15.63 17.55 8.58
C VAL C 87 -16.55 16.33 8.70
N GLN C 88 -15.98 15.23 9.16
CA GLN C 88 -16.73 14.01 9.41
C GLN C 88 -17.86 14.30 10.41
N GLY C 89 -19.05 13.84 10.07
CA GLY C 89 -20.21 14.01 10.92
C GLY C 89 -20.88 15.35 10.83
N GLY C 90 -20.36 16.23 9.98
CA GLY C 90 -20.93 17.53 9.86
C GLY C 90 -21.95 17.61 8.78
N PRO C 91 -22.20 18.81 8.28
CA PRO C 91 -23.18 19.13 7.26
C PRO C 91 -23.15 18.22 6.05
N VAL C 92 -21.86 17.88 5.57
CA VAL C 92 -21.66 17.04 4.44
C VAL C 92 -22.27 15.67 4.58
N SER C 93 -22.46 15.19 5.80
CA SER C 93 -23.01 13.85 5.95
C SER C 93 -24.32 13.71 5.16
N GLU C 94 -25.09 14.80 5.09
CA GLU C 94 -26.39 14.78 4.43
C GLU C 94 -26.28 14.76 2.91
N ILE C 95 -25.16 15.22 2.38
CA ILE C 95 -25.00 15.34 0.94
C ILE C 95 -23.80 14.54 0.42
N LEU C 96 -23.30 13.64 1.27
CA LEU C 96 -22.09 12.87 0.94
C LEU C 96 -22.38 11.88 -0.18
N PRO C 97 -21.72 12.03 -1.33
CA PRO C 97 -21.93 11.07 -2.40
C PRO C 97 -21.48 9.67 -2.03
N ASN C 98 -22.15 8.66 -2.59
CA ASN C 98 -21.75 7.27 -2.39
C ASN C 98 -20.32 7.04 -2.89
N GLY C 99 -19.53 6.32 -2.11
CA GLY C 99 -18.17 5.98 -2.50
C GLY C 99 -17.16 7.03 -2.10
N PHE C 100 -17.59 7.98 -1.28
CA PHE C 100 -16.71 9.03 -0.77
C PHE C 100 -16.86 9.16 0.74
N ARG C 101 -15.79 9.60 1.40
CA ARG C 101 -15.85 9.88 2.82
C ARG C 101 -15.25 11.24 3.14
N ALA C 102 -15.64 11.77 4.29
CA ALA C 102 -15.16 13.07 4.74
C ALA C 102 -13.70 12.93 5.17
N VAL C 103 -13.10 14.05 5.55
CA VAL C 103 -11.65 14.16 5.62
C VAL C 103 -11.19 14.57 7.02
N LEU C 104 -11.76 15.65 7.53
CA LEU C 104 -11.35 16.18 8.82
C LEU C 104 -12.09 15.46 9.96
N PRO C 105 -11.43 15.33 11.11
CA PRO C 105 -12.01 14.66 12.27
C PRO C 105 -13.27 15.37 12.78
N ALA C 106 -14.19 14.60 13.36
CA ALA C 106 -15.44 15.13 13.88
C ALA C 106 -15.18 16.30 14.83
N ASP C 107 -16.03 17.33 14.73
CA ASP C 107 -16.04 18.44 15.69
C ASP C 107 -14.85 19.39 15.52
N THR C 108 -14.18 19.32 14.39
CA THR C 108 -13.12 20.21 14.15
C THR C 108 -13.78 21.53 13.72
N THR C 109 -13.28 22.66 14.18
CA THR C 109 -13.79 23.96 13.77
C THR C 109 -12.65 24.74 13.13
N VAL C 110 -12.97 25.81 12.40
CA VAL C 110 -11.94 26.59 11.75
C VAL C 110 -12.25 28.03 11.30
N ASN C 111 -11.22 28.87 11.27
CA ASN C 111 -11.32 30.23 10.79
C ASN C 111 -10.31 30.42 9.67
N VAL C 112 -10.71 31.15 8.66
CA VAL C 112 -9.84 31.36 7.55
C VAL C 112 -9.59 32.82 7.31
N ASP C 113 -8.33 33.21 7.36
CA ASP C 113 -7.96 34.58 7.12
C ASP C 113 -7.25 34.68 5.81
N ILE C 114 -7.90 35.31 4.86
CA ILE C 114 -7.39 35.45 3.51
C ILE C 114 -6.62 36.77 3.39
N LYS C 115 -5.31 36.68 3.14
CA LYS C 115 -4.48 37.87 3.02
C LYS C 115 -4.46 38.37 1.58
N LYS C 116 -3.95 39.59 1.40
CA LYS C 116 -3.96 40.23 0.10
C LYS C 116 -2.92 39.62 -0.84
N ASP C 117 -1.89 39.00 -0.28
CA ASP C 117 -0.86 38.35 -1.08
C ASP C 117 -1.31 37.00 -1.64
N GLY C 118 -2.52 36.57 -1.29
CA GLY C 118 -3.11 35.34 -1.83
C GLY C 118 -3.01 34.17 -0.86
N THR C 119 -2.45 34.43 0.31
CA THR C 119 -2.27 33.40 1.33
C THR C 119 -3.51 33.29 2.19
N ALA C 120 -4.02 32.07 2.33
CA ALA C 120 -5.07 31.81 3.30
C ALA C 120 -4.50 31.07 4.49
N ILE C 121 -4.78 31.58 5.69
CA ILE C 121 -4.41 30.88 6.91
C ILE C 121 -5.62 30.17 7.49
N ALA C 122 -5.55 28.84 7.52
CA ALA C 122 -6.61 28.03 8.10
C ALA C 122 -6.24 27.63 9.51
N ASP C 123 -6.96 28.18 10.48
CA ASP C 123 -6.67 27.96 11.89
C ASP C 123 -7.70 27.02 12.47
N PHE C 124 -7.26 25.80 12.82
CA PHE C 124 -8.17 24.73 13.20
C PHE C 124 -8.24 24.58 14.71
N SER C 125 -9.36 24.06 15.19
CA SER C 125 -9.47 23.65 16.59
C SER C 125 -8.67 22.37 16.82
N ASN C 126 -8.60 21.96 18.08
CA ASN C 126 -7.68 20.91 18.50
C ASN C 126 -8.10 19.53 18.00
N GLU C 127 -9.39 19.39 17.68
CA GLU C 127 -9.91 18.14 17.13
C GLU C 127 -9.22 17.77 15.80
N PHE C 128 -8.63 18.77 15.15
CA PHE C 128 -7.88 18.55 13.91
C PHE C 128 -6.84 17.43 14.05
N LYS C 129 -6.39 17.19 15.28
CA LYS C 129 -5.35 16.18 15.53
C LYS C 129 -5.89 14.75 15.52
N ASN C 130 -7.20 14.60 15.53
CA ASN C 130 -7.82 13.29 15.78
C ASN C 130 -8.06 12.48 14.51
N TYR C 131 -7.03 12.37 13.68
CA TYR C 131 -7.15 11.59 12.45
C TYR C 131 -6.24 10.37 12.51
N LYS C 132 -6.49 9.40 11.64
CA LYS C 132 -5.60 8.26 11.48
C LYS C 132 -4.37 8.65 10.67
N LYS C 133 -3.21 8.11 11.07
CA LYS C 133 -1.93 8.49 10.49
C LYS C 133 -1.94 8.30 8.97
N GLU C 134 -2.61 7.25 8.52
CA GLU C 134 -2.62 6.89 7.12
C GLU C 134 -3.30 7.95 6.24
N ASP C 135 -4.09 8.83 6.85
CA ASP C 135 -4.80 9.86 6.11
C ASP C 135 -4.09 11.22 6.12
N GLU C 136 -2.91 11.27 6.73
CA GLU C 136 -2.26 12.54 7.05
C GLU C 136 -2.02 13.39 5.79
N GLN C 137 -1.46 12.77 4.76
CA GLN C 137 -1.15 13.49 3.54
C GLN C 137 -2.44 13.85 2.78
N LYS C 138 -3.43 12.98 2.86
CA LYS C 138 -4.73 13.25 2.25
C LYS C 138 -5.33 14.55 2.79
N ILE C 139 -5.25 14.72 4.11
CA ILE C 139 -5.83 15.88 4.77
C ILE C 139 -5.16 17.17 4.30
N VAL C 140 -3.83 17.16 4.22
CA VAL C 140 -3.09 18.35 3.77
C VAL C 140 -3.51 18.72 2.35
N GLN C 141 -3.61 17.71 1.49
CA GLN C 141 -3.92 17.94 0.09
C GLN C 141 -5.37 18.38 -0.08
N SER C 142 -6.28 17.75 0.66
CA SER C 142 -7.71 18.11 0.66
C SER C 142 -7.92 19.57 1.02
N VAL C 143 -7.38 19.98 2.16
CA VAL C 143 -7.49 21.35 2.62
C VAL C 143 -6.88 22.31 1.60
N THR C 144 -5.73 21.96 1.07
CA THR C 144 -5.06 22.79 0.11
C THR C 144 -5.85 22.96 -1.18
N TRP C 145 -6.32 21.88 -1.73
CA TRP C 145 -7.05 21.96 -2.97
C TRP C 145 -8.42 22.59 -2.78
N THR C 146 -9.01 22.41 -1.62
CA THR C 146 -10.29 22.99 -1.33
C THR C 146 -10.17 24.50 -1.18
N LEU C 147 -9.18 24.96 -0.43
CA LEU C 147 -9.00 26.39 -0.24
C LEU C 147 -8.60 27.12 -1.49
N THR C 148 -7.79 26.48 -2.32
CA THR C 148 -7.28 27.09 -3.53
C THR C 148 -8.19 27.11 -4.73
N GLN C 149 -9.49 26.75 -4.53
CA GLN C 149 -10.46 26.83 -5.60
C GLN C 149 -10.88 28.28 -5.77
N PHE C 150 -10.77 29.04 -4.75
CA PHE C 150 -11.08 30.44 -4.79
C PHE C 150 -9.99 31.26 -5.45
N SER C 151 -10.40 32.22 -6.24
CA SER C 151 -9.47 33.07 -6.97
C SER C 151 -8.63 33.95 -6.03
N SER C 152 -9.10 34.13 -4.80
CA SER C 152 -8.39 34.97 -3.85
C SER C 152 -7.35 34.18 -3.05
N ILE C 153 -7.32 32.87 -3.24
CA ILE C 153 -6.40 32.01 -2.48
C ILE C 153 -5.56 31.15 -3.43
N ASP C 154 -4.24 31.31 -3.38
CA ASP C 154 -3.36 30.41 -4.12
C ASP C 154 -2.25 29.82 -3.27
N LYS C 155 -2.22 30.17 -1.99
CA LYS C 155 -1.27 29.59 -1.04
C LYS C 155 -1.99 29.37 0.29
N VAL C 156 -1.55 28.37 1.04
CA VAL C 156 -2.24 27.98 2.25
C VAL C 156 -1.26 27.79 3.39
N LYS C 157 -1.64 28.26 4.57
CA LYS C 157 -0.90 28.00 5.79
C LYS C 157 -1.84 27.38 6.82
N LEU C 158 -1.34 26.41 7.56
CA LEU C 158 -2.16 25.65 8.49
C LEU C 158 -1.78 26.02 9.92
N ARG C 159 -2.78 26.19 10.78
CA ARG C 159 -2.54 26.38 12.20
C ARG C 159 -3.48 25.53 13.03
N ILE C 160 -3.06 25.18 14.23
CA ILE C 160 -3.96 24.62 15.25
C ILE C 160 -3.99 25.52 16.47
N ASN C 161 -5.17 26.08 16.76
CA ASN C 161 -5.33 27.02 17.87
C ASN C 161 -4.26 28.12 17.85
N GLY C 162 -3.99 28.64 16.66
CA GLY C 162 -3.11 29.79 16.51
C GLY C 162 -1.65 29.41 16.31
N HIS C 163 -1.31 28.16 16.58
CA HIS C 163 0.07 27.70 16.45
C HIS C 163 0.38 27.23 15.02
N GLU C 164 1.49 27.72 14.47
CA GLU C 164 1.87 27.40 13.10
C GLU C 164 2.26 25.92 12.98
N LEU C 165 1.80 25.27 11.92
CA LEU C 165 2.19 23.88 11.64
C LEU C 165 3.36 23.82 10.67
N LYS C 166 4.49 23.33 11.17
CA LYS C 166 5.67 23.05 10.35
C LYS C 166 5.59 21.61 9.84
N GLU C 167 4.91 20.77 10.60
CA GLU C 167 4.64 19.39 10.21
C GLU C 167 3.29 19.00 10.78
N MET C 168 2.70 17.94 10.23
CA MET C 168 1.41 17.46 10.70
C MET C 168 1.61 16.74 12.03
N PRO C 169 0.62 16.88 12.95
CA PRO C 169 0.80 16.51 14.35
C PRO C 169 1.01 15.02 14.60
N VAL C 170 0.26 14.18 13.90
CA VAL C 170 0.21 12.75 14.24
C VAL C 170 1.45 12.02 13.75
N GLY C 171 1.84 12.27 12.50
CA GLY C 171 2.88 11.46 11.85
C GLY C 171 4.08 12.28 11.39
N GLY C 172 3.96 13.60 11.45
CA GLY C 172 5.10 14.47 11.17
C GLY C 172 5.38 14.71 9.71
N THR C 173 4.39 14.47 8.85
CA THR C 173 4.51 14.87 7.45
C THR C 173 4.83 16.36 7.36
N PRO C 174 5.94 16.70 6.68
CA PRO C 174 6.35 18.09 6.60
C PRO C 174 5.37 18.93 5.78
N ILE C 175 5.17 20.17 6.21
CA ILE C 175 4.43 21.14 5.43
C ILE C 175 5.32 22.33 5.08
N SER C 176 5.40 22.68 3.80
CA SER C 176 6.23 23.81 3.37
C SER C 176 5.51 25.15 3.60
N ASP C 177 6.29 26.21 3.74
CA ASP C 177 5.74 27.53 4.03
C ASP C 177 4.81 27.95 2.90
N ASP C 178 5.28 27.70 1.68
CA ASP C 178 4.48 27.89 0.48
C ASP C 178 3.76 26.59 0.15
N LEU C 179 2.46 26.55 0.44
CA LEU C 179 1.67 25.33 0.28
C LEU C 179 0.55 25.57 -0.73
N SER C 180 0.57 24.81 -1.82
CA SER C 180 -0.34 25.05 -2.94
C SER C 180 -0.55 23.78 -3.77
N ARG C 181 -1.31 23.91 -4.85
CA ARG C 181 -1.60 22.78 -5.71
C ARG C 181 -0.33 22.27 -6.40
N LYS C 182 0.71 23.11 -6.40
CA LYS C 182 1.99 22.70 -7.00
C LYS C 182 2.70 21.65 -6.15
N ASP C 183 2.29 21.51 -4.90
CA ASP C 183 2.80 20.48 -4.03
C ASP C 183 2.18 19.12 -4.31
N GLY C 184 1.34 19.06 -5.34
CA GLY C 184 0.88 17.79 -5.90
C GLY C 184 -0.32 17.19 -5.19
N ILE C 185 -0.76 16.04 -5.68
CA ILE C 185 -1.93 15.37 -5.10
C ILE C 185 -1.91 13.90 -5.51
N ASN C 186 -2.31 13.03 -4.59
CA ASN C 186 -2.30 11.59 -4.86
C ASN C 186 -0.96 11.16 -5.45
N LEU C 187 0.12 11.51 -4.77
CA LEU C 187 1.47 11.22 -5.24
C LEU C 187 1.71 9.72 -5.43
N GLU C 188 2.25 9.33 -6.57
CA GLU C 188 2.74 7.97 -6.76
C GLU C 188 3.97 7.70 -5.88
N THR C 189 3.81 6.86 -4.87
CA THR C 189 4.89 6.61 -3.91
C THR C 189 5.31 5.14 -3.84
N ALA C 190 4.77 4.31 -4.73
CA ALA C 190 5.14 2.89 -4.74
C ALA C 190 6.56 2.74 -5.27
N GLY C 191 7.35 1.91 -4.59
CA GLY C 191 8.70 1.58 -5.04
C GLY C 191 9.70 2.70 -4.87
N VAL C 192 10.84 2.55 -5.51
CA VAL C 192 11.86 3.59 -5.58
C VAL C 192 11.60 4.44 -6.82
N ASN C 193 11.54 5.75 -6.65
CA ASN C 193 11.33 6.61 -7.79
C ASN C 193 12.34 7.73 -7.84
N ASP C 194 12.75 8.12 -9.02
CA ASP C 194 13.76 9.13 -9.18
C ASP C 194 13.27 10.56 -9.15
N LEU C 195 13.24 11.18 -8.01
CA LEU C 195 12.74 12.52 -7.89
C LEU C 195 13.74 13.58 -8.30
N THR C 196 15.00 13.21 -8.32
CA THR C 196 16.07 14.12 -8.65
C THR C 196 16.12 14.46 -10.14
N ALA C 197 15.71 13.55 -10.98
CA ALA C 197 15.76 13.73 -12.40
C ALA C 197 14.41 13.92 -13.02
N THR C 198 13.39 14.11 -12.22
CA THR C 198 12.05 14.28 -12.73
C THR C 198 11.37 15.48 -12.12
N HIS C 199 10.28 15.89 -12.71
CA HIS C 199 9.51 16.99 -12.19
C HIS C 199 8.04 16.59 -12.14
N PRO C 200 7.29 17.09 -11.16
CA PRO C 200 5.89 16.75 -10.96
C PRO C 200 4.99 17.37 -12.02
N LEU C 201 3.96 16.64 -12.41
CA LEU C 201 2.94 17.15 -13.30
C LEU C 201 1.61 16.49 -12.96
N THR C 202 0.55 17.27 -12.84
CA THR C 202 -0.76 16.73 -12.50
C THR C 202 -1.50 16.26 -13.74
N VAL C 203 -1.99 15.03 -13.70
CA VAL C 203 -2.69 14.44 -14.83
C VAL C 203 -3.99 13.81 -14.33
N TYR C 204 -5.07 14.03 -15.07
CA TYR C 204 -6.39 13.54 -14.67
C TYR C 204 -6.72 12.22 -15.34
N TYR C 205 -7.08 11.24 -14.52
CA TYR C 205 -7.56 9.96 -15.04
C TYR C 205 -9.00 9.74 -14.60
N LEU C 206 -9.59 8.64 -15.05
CA LEU C 206 -10.98 8.37 -14.80
C LEU C 206 -11.17 7.29 -13.74
N ALA C 207 -12.18 7.51 -12.89
CA ALA C 207 -12.66 6.47 -12.01
C ALA C 207 -14.18 6.42 -12.12
N GLU C 208 -14.74 5.41 -11.51
CA GLU C 208 -16.15 5.17 -11.60
C GLU C 208 -16.68 4.51 -10.36
N ASN C 209 -17.92 4.80 -10.05
CA ASN C 209 -18.58 4.15 -8.93
C ASN C 209 -19.97 3.76 -9.42
N GLU C 210 -20.86 3.49 -8.50
CA GLU C 210 -22.21 3.12 -8.81
C GLU C 210 -22.88 4.14 -9.70
N ASP C 211 -23.05 5.36 -9.23
CA ASP C 211 -23.76 6.33 -10.01
C ASP C 211 -22.99 7.32 -10.86
N SER C 212 -21.68 7.19 -11.00
CA SER C 212 -20.94 8.19 -11.75
C SER C 212 -19.57 7.83 -12.26
N GLU C 213 -19.11 8.72 -13.11
CA GLU C 213 -17.80 8.73 -13.69
C GLU C 213 -17.20 10.02 -13.13
N TYR C 214 -15.99 9.98 -12.58
CA TYR C 214 -15.39 11.22 -12.09
C TYR C 214 -13.89 11.27 -12.37
N TYR C 215 -13.32 12.48 -12.28
CA TYR C 215 -11.95 12.71 -12.73
C TYR C 215 -11.02 12.83 -11.54
N VAL C 216 -9.98 12.01 -11.54
CA VAL C 216 -9.05 11.95 -10.42
C VAL C 216 -7.68 12.49 -10.85
N PRO C 217 -7.18 13.50 -10.12
CA PRO C 217 -5.88 14.05 -10.43
C PRO C 217 -4.78 13.22 -9.75
N VAL C 218 -3.72 12.95 -10.52
CA VAL C 218 -2.55 12.26 -9.97
C VAL C 218 -1.29 13.01 -10.40
N THR C 219 -0.40 13.26 -9.45
CA THR C 219 0.93 13.79 -9.76
C THR C 219 1.84 12.72 -10.37
N LYS C 220 2.24 12.92 -11.62
CA LYS C 220 3.18 12.02 -12.28
C LYS C 220 4.58 12.62 -12.26
N ARG C 221 5.57 11.76 -12.46
CA ARG C 221 6.96 12.20 -12.58
C ARG C 221 7.31 12.27 -14.05
N ILE C 222 7.73 13.45 -14.50
CA ILE C 222 8.13 13.63 -15.89
C ILE C 222 9.64 13.82 -15.96
N ASP C 223 10.29 13.12 -16.88
CA ASP C 223 11.74 13.23 -17.05
C ASP C 223 12.13 14.66 -17.36
N ASN C 224 13.18 15.14 -16.71
CA ASN C 224 13.56 16.53 -16.82
C ASN C 224 14.09 16.89 -18.21
N SER C 225 14.45 15.88 -19.00
CA SER C 225 14.87 16.12 -20.38
C SER C 225 13.69 16.60 -21.24
N GLU C 226 12.47 16.29 -20.81
CA GLU C 226 11.28 16.83 -21.44
C GLU C 226 10.99 18.25 -20.94
N LYS C 227 11.08 19.22 -21.84
CA LYS C 227 10.89 20.61 -21.46
C LYS C 227 9.49 21.13 -21.86
N ASP C 228 8.73 20.32 -22.59
CA ASP C 228 7.37 20.71 -23.00
C ASP C 228 6.34 19.92 -22.20
N ASP C 229 5.74 20.55 -21.18
CA ASP C 229 4.87 19.84 -20.25
C ASP C 229 3.47 19.64 -20.81
N ILE C 230 3.13 20.37 -21.85
CA ILE C 230 1.87 20.17 -22.53
C ILE C 230 1.92 18.84 -23.27
N THR C 231 2.97 18.63 -24.03
CA THR C 231 3.21 17.36 -24.71
C THR C 231 3.38 16.21 -23.72
N ALA C 232 4.13 16.44 -22.66
CA ALA C 232 4.33 15.43 -21.63
C ALA C 232 2.98 15.01 -21.03
N ALA C 233 2.14 15.98 -20.69
CA ALA C 233 0.80 15.69 -20.16
C ALA C 233 -0.02 14.81 -21.11
N ILE C 234 -0.04 15.18 -22.39
CA ILE C 234 -0.74 14.40 -23.39
C ILE C 234 -0.19 12.98 -23.50
N ASN C 235 1.13 12.83 -23.50
CA ASN C 235 1.74 11.51 -23.55
C ASN C 235 1.35 10.67 -22.33
N GLU C 236 1.30 11.29 -21.16
CA GLU C 236 0.92 10.56 -19.94
C GLU C 236 -0.56 10.14 -19.98
N LEU C 237 -1.40 10.98 -20.57
CA LEU C 237 -2.81 10.65 -20.73
C LEU C 237 -2.99 9.44 -21.65
N ALA C 238 -2.19 9.39 -22.70
CA ALA C 238 -2.22 8.27 -23.66
C ALA C 238 -1.70 6.98 -23.03
N LYS C 239 -0.67 7.08 -22.20
CA LYS C 239 -0.12 5.92 -21.51
C LYS C 239 -1.13 5.32 -20.52
N GLY C 240 -1.90 6.18 -19.85
CA GLY C 240 -2.87 5.72 -18.87
C GLY C 240 -2.27 5.55 -17.49
N PRO C 241 -3.09 5.17 -16.50
CA PRO C 241 -2.64 5.17 -15.11
C PRO C 241 -1.87 3.89 -14.73
N SER C 242 -1.34 3.86 -13.51
CA SER C 242 -0.62 2.70 -12.99
C SER C 242 -1.46 1.44 -12.94
N LYS C 243 -0.78 0.32 -12.71
CA LYS C 243 -1.45 -0.96 -12.56
C LYS C 243 -1.99 -1.12 -11.15
N VAL C 244 -3.19 -1.69 -11.05
CA VAL C 244 -3.86 -1.84 -9.76
C VAL C 244 -3.94 -0.50 -9.04
N SER C 245 -4.25 0.54 -9.80
CA SER C 245 -4.45 1.88 -9.27
C SER C 245 -5.92 2.18 -9.04
N GLY C 246 -6.80 1.35 -9.63
CA GLY C 246 -8.24 1.57 -9.54
C GLY C 246 -8.72 2.65 -10.49
N LEU C 247 -7.86 3.03 -11.43
CA LEU C 247 -8.15 4.14 -12.34
C LEU C 247 -8.14 3.64 -13.77
N LEU C 248 -8.74 4.41 -14.66
CA LEU C 248 -8.77 4.02 -16.06
C LEU C 248 -8.61 5.23 -16.99
N THR C 249 -8.56 4.96 -18.28
CA THR C 249 -8.42 6.00 -19.29
C THR C 249 -9.40 5.69 -20.41
N ASP C 250 -9.90 6.71 -21.09
CA ASP C 250 -10.61 6.49 -22.35
C ASP C 250 -9.72 6.78 -23.55
N PHE C 251 -8.44 7.04 -23.31
CA PHE C 251 -7.48 7.26 -24.39
C PHE C 251 -7.11 5.95 -25.06
N SER C 252 -7.00 5.96 -26.39
CA SER C 252 -6.24 4.92 -27.08
C SER C 252 -4.75 5.14 -26.82
N GLU C 253 -4.02 4.04 -26.68
CA GLU C 253 -2.57 4.12 -26.45
C GLU C 253 -1.83 4.71 -27.64
N ASP C 254 -2.45 4.71 -28.81
CA ASP C 254 -1.78 5.15 -30.04
C ASP C 254 -1.88 6.66 -30.22
N VAL C 255 -2.62 7.32 -29.33
CA VAL C 255 -2.80 8.76 -29.45
C VAL C 255 -1.44 9.47 -29.38
N LYS C 256 -1.19 10.35 -30.35
CA LYS C 256 -0.01 11.20 -30.35
C LYS C 256 -0.39 12.58 -30.83
N LEU C 257 0.37 13.59 -30.40
CA LEU C 257 0.38 14.86 -31.09
C LEU C 257 1.17 14.75 -32.38
N VAL C 258 0.68 15.41 -33.43
CA VAL C 258 1.37 15.43 -34.72
C VAL C 258 2.05 16.77 -34.98
N SER C 259 1.72 17.77 -34.17
CA SER C 259 2.46 19.04 -34.18
C SER C 259 2.83 19.42 -32.77
N LYS C 260 3.84 20.26 -32.63
CA LYS C 260 4.12 20.87 -31.34
C LYS C 260 2.94 21.73 -30.94
N PRO C 261 2.50 21.61 -29.69
CA PRO C 261 1.43 22.46 -29.22
C PRO C 261 1.80 23.93 -29.39
N LYS C 262 0.81 24.77 -29.67
CA LYS C 262 0.99 26.21 -29.64
C LYS C 262 0.23 26.79 -28.46
N ILE C 263 0.67 27.94 -27.99
CA ILE C 263 -0.01 28.60 -26.91
C ILE C 263 0.01 30.09 -27.17
N LYS C 264 -1.13 30.74 -26.98
CA LYS C 264 -1.30 32.18 -27.21
C LYS C 264 -2.36 32.66 -26.30
N ASP C 265 -2.03 33.59 -25.43
CA ASP C 265 -2.97 34.17 -24.46
C ASP C 265 -3.73 33.21 -23.55
N GLY C 266 -3.13 32.08 -23.21
CA GLY C 266 -3.79 31.10 -22.37
C GLY C 266 -4.53 30.07 -23.17
N ARG C 267 -4.40 30.09 -24.49
CA ARG C 267 -5.09 29.12 -25.33
C ARG C 267 -4.11 28.16 -25.92
N VAL C 268 -4.28 26.89 -25.65
CA VAL C 268 -3.38 25.90 -26.17
C VAL C 268 -4.00 25.21 -27.36
N THR C 269 -3.23 25.01 -28.40
CA THR C 269 -3.74 24.35 -29.57
C THR C 269 -3.08 23.00 -29.76
N LEU C 270 -3.88 21.97 -29.76
CA LEU C 270 -3.35 20.62 -29.92
C LEU C 270 -3.73 20.07 -31.28
N ASP C 271 -2.80 19.34 -31.89
CA ASP C 271 -3.03 18.72 -33.18
C ASP C 271 -2.79 17.22 -33.03
N PHE C 272 -3.86 16.43 -33.12
CA PHE C 272 -3.78 15.01 -32.81
C PHE C 272 -3.70 14.17 -34.08
N ASN C 273 -3.25 12.94 -33.93
CA ASN C 273 -3.27 12.05 -35.07
C ASN C 273 -4.70 11.50 -35.18
N GLN C 274 -4.89 10.35 -35.82
CA GLN C 274 -6.26 9.88 -36.00
C GLN C 274 -6.84 9.10 -34.86
N SER C 275 -6.01 8.71 -33.90
CA SER C 275 -6.46 7.91 -32.77
C SER C 275 -7.18 8.65 -31.66
N ILE C 276 -7.29 9.96 -31.78
CA ILE C 276 -7.97 10.73 -30.79
C ILE C 276 -9.47 10.55 -30.82
N PHE C 277 -10.05 10.13 -31.94
CA PHE C 277 -11.47 9.90 -31.97
C PHE C 277 -11.77 8.47 -32.27
N THR C 284 -19.14 11.34 -37.96
CA THR C 284 -17.79 11.31 -38.49
C THR C 284 -16.75 11.19 -37.37
N LYS C 285 -15.94 12.23 -37.22
CA LYS C 285 -14.91 12.25 -36.19
C LYS C 285 -15.43 12.86 -34.90
N MET C 286 -15.63 12.02 -33.88
CA MET C 286 -16.13 12.49 -32.59
C MET C 286 -15.17 12.13 -31.47
N ILE C 287 -14.89 13.09 -30.60
CA ILE C 287 -14.00 12.87 -29.48
C ILE C 287 -14.83 12.70 -28.21
N SER C 288 -14.53 11.66 -27.45
CA SER C 288 -15.32 11.36 -26.26
C SER C 288 -15.16 12.44 -25.19
N SER C 289 -16.20 12.60 -24.37
CA SER C 289 -16.20 13.54 -23.26
C SER C 289 -15.08 13.23 -22.28
N GLU C 290 -14.81 11.94 -22.08
CA GLU C 290 -13.82 11.51 -21.11
C GLU C 290 -12.43 11.95 -21.55
N VAL C 291 -12.17 11.84 -22.84
CA VAL C 291 -10.88 12.22 -23.39
C VAL C 291 -10.73 13.74 -23.35
N LEU C 292 -11.76 14.44 -23.80
CA LEU C 292 -11.75 15.89 -23.85
C LEU C 292 -11.66 16.53 -22.46
N ASN C 293 -12.48 16.06 -21.52
CA ASN C 293 -12.42 16.57 -20.14
C ASN C 293 -11.08 16.31 -19.47
N SER C 294 -10.52 15.12 -19.69
CA SER C 294 -9.20 14.76 -19.17
C SER C 294 -8.15 15.75 -19.68
N ILE C 295 -8.21 16.05 -20.95
CA ILE C 295 -7.27 16.95 -21.55
C ILE C 295 -7.36 18.34 -20.98
N VAL C 296 -8.57 18.84 -20.87
CA VAL C 296 -8.81 20.17 -20.37
C VAL C 296 -8.51 20.34 -18.90
N LEU C 297 -8.89 19.38 -18.10
CA LEU C 297 -8.63 19.49 -16.68
C LEU C 297 -7.12 19.43 -16.41
N THR C 298 -6.43 18.58 -17.14
CA THR C 298 -5.00 18.42 -17.01
C THR C 298 -4.25 19.64 -17.47
N LEU C 299 -4.48 20.04 -18.71
CA LEU C 299 -3.81 21.20 -19.28
C LEU C 299 -4.06 22.49 -18.53
N THR C 300 -5.25 22.68 -17.98
CA THR C 300 -5.57 23.88 -17.22
C THR C 300 -5.04 23.93 -15.79
N GLU C 301 -4.38 22.88 -15.35
CA GLU C 301 -3.73 22.87 -14.08
C GLU C 301 -2.41 23.60 -14.25
N GLN C 302 -1.84 23.58 -15.45
CA GLN C 302 -0.58 24.23 -15.72
C GLN C 302 -0.69 25.74 -15.76
N PRO C 303 0.42 26.42 -15.49
CA PRO C 303 0.47 27.86 -15.46
C PRO C 303 0.12 28.49 -16.78
N ASP C 304 -0.74 29.48 -16.68
CA ASP C 304 -1.25 30.28 -17.80
C ASP C 304 -2.17 29.66 -18.81
N VAL C 305 -2.49 28.38 -18.69
CA VAL C 305 -3.38 27.76 -19.63
C VAL C 305 -4.81 28.01 -19.19
N LYS C 306 -5.61 28.59 -20.06
CA LYS C 306 -6.98 28.84 -19.69
C LYS C 306 -7.97 28.12 -20.56
N SER C 307 -7.56 27.71 -21.73
CA SER C 307 -8.45 27.02 -22.63
C SER C 307 -7.68 26.18 -23.62
N VAL C 308 -8.35 25.27 -24.30
CA VAL C 308 -7.69 24.39 -25.22
C VAL C 308 -8.47 24.19 -26.50
N SER C 309 -7.82 24.33 -27.63
CA SER C 309 -8.41 24.03 -28.93
C SER C 309 -7.81 22.73 -29.45
N VAL C 310 -8.65 21.87 -29.99
CA VAL C 310 -8.18 20.59 -30.50
C VAL C 310 -8.41 20.46 -32.01
N LYS C 311 -7.42 19.96 -32.69
CA LYS C 311 -7.53 19.71 -34.11
C LYS C 311 -7.11 18.29 -34.34
N VAL C 312 -7.41 17.81 -35.53
CA VAL C 312 -6.97 16.48 -35.86
C VAL C 312 -6.29 16.58 -37.18
N ASN C 313 -5.03 16.17 -37.19
CA ASN C 313 -4.19 16.14 -38.36
C ASN C 313 -4.25 17.38 -39.21
N GLY C 314 -4.29 18.52 -38.57
CA GLY C 314 -4.33 19.76 -39.29
C GLY C 314 -5.50 20.67 -39.02
N LYS C 315 -6.71 20.14 -38.98
CA LYS C 315 -7.86 21.02 -38.83
C LYS C 315 -8.88 20.67 -37.79
N SER C 316 -9.78 21.62 -37.55
CA SER C 316 -10.79 21.47 -36.52
C SER C 316 -12.01 20.65 -36.91
N GLU C 317 -11.78 19.41 -37.31
CA GLU C 317 -12.86 18.52 -37.73
C GLU C 317 -13.60 17.80 -36.62
N LEU C 318 -13.14 17.93 -35.36
CA LEU C 318 -13.83 17.26 -34.30
C LEU C 318 -15.10 17.86 -33.77
N VAL C 319 -16.01 16.97 -33.42
CA VAL C 319 -17.25 17.35 -32.79
C VAL C 319 -17.36 16.61 -31.48
N ASN C 320 -18.22 17.07 -30.60
CA ASN C 320 -18.35 16.41 -29.33
C ASN C 320 -19.41 15.32 -29.37
N GLU C 321 -19.83 14.87 -28.20
CA GLU C 321 -20.84 13.84 -28.10
C GLU C 321 -22.26 14.30 -28.49
N LYS C 322 -22.49 15.60 -28.46
CA LYS C 322 -23.78 16.12 -28.85
C LYS C 322 -23.72 16.65 -30.28
N GLY C 323 -22.66 16.33 -30.99
CA GLY C 323 -22.47 16.75 -32.36
C GLY C 323 -21.88 18.12 -32.58
N GLU C 324 -21.91 18.98 -31.58
CA GLU C 324 -21.40 20.33 -31.71
C GLU C 324 -19.96 20.35 -32.18
N LYS C 325 -19.68 21.14 -33.20
CA LYS C 325 -18.34 21.21 -33.77
C LYS C 325 -17.33 21.89 -32.86
N LEU C 326 -16.19 21.26 -32.65
CA LEU C 326 -15.18 21.85 -31.78
C LEU C 326 -14.30 22.84 -32.53
N THR C 327 -14.84 24.01 -32.76
CA THR C 327 -14.12 25.02 -33.50
C THR C 327 -13.73 26.15 -32.59
N GLU C 328 -14.13 26.04 -31.34
CA GLU C 328 -13.82 27.05 -30.33
C GLU C 328 -12.93 26.48 -29.23
N PRO C 329 -12.20 27.35 -28.52
CA PRO C 329 -11.47 26.93 -27.32
C PRO C 329 -12.40 26.35 -26.27
N VAL C 330 -12.04 25.19 -25.71
CA VAL C 330 -12.75 24.63 -24.57
C VAL C 330 -12.04 25.04 -23.28
N SER C 331 -12.80 25.55 -22.33
CA SER C 331 -12.20 26.02 -21.09
C SER C 331 -12.52 25.06 -19.95
N ARG C 332 -11.87 25.26 -18.83
CA ARG C 332 -12.04 24.39 -17.70
C ARG C 332 -13.47 24.45 -17.23
N PRO C 333 -14.07 23.30 -16.98
CA PRO C 333 -15.44 23.22 -16.50
C PRO C 333 -15.69 24.02 -15.26
N SER C 334 -16.89 24.58 -15.18
CA SER C 334 -17.27 25.36 -14.03
C SER C 334 -17.48 24.45 -12.84
N GLN C 335 -17.98 23.26 -13.11
CA GLN C 335 -18.21 22.28 -12.08
C GLN C 335 -17.33 21.08 -12.29
N VAL C 336 -16.31 20.92 -11.46
CA VAL C 336 -15.43 19.76 -11.56
C VAL C 336 -16.07 18.64 -10.75
N ASN C 337 -16.39 17.55 -11.41
CA ASN C 337 -17.03 16.41 -10.80
C ASN C 337 -18.28 16.76 -10.01
N THR C 338 -19.31 17.22 -10.68
CA THR C 338 -20.57 17.51 -10.02
C THR C 338 -21.00 16.25 -9.27
N GLY C 339 -21.26 16.39 -7.98
CA GLY C 339 -21.50 15.24 -7.10
C GLY C 339 -22.92 14.73 -7.21
N SER C 340 -23.09 13.43 -6.96
CA SER C 340 -24.39 12.78 -7.08
C SER C 340 -24.84 12.36 -5.70
N PHE C 341 -25.78 13.10 -5.14
CA PHE C 341 -26.26 12.84 -3.79
C PHE C 341 -27.78 12.86 -3.77
N SER D 50 38.35 -1.73 15.62
CA SER D 50 38.48 -2.56 14.39
C SER D 50 37.77 -1.92 13.18
N THR D 51 36.94 -0.91 13.43
CA THR D 51 36.26 -0.21 12.33
C THR D 51 36.58 1.28 12.32
N VAL D 52 36.45 1.88 11.13
CA VAL D 52 36.56 3.33 10.96
C VAL D 52 35.31 3.83 10.25
N MET D 53 34.81 4.99 10.67
CA MET D 53 33.65 5.60 10.02
C MET D 53 34.03 6.17 8.65
N ARG D 54 33.27 5.80 7.62
CA ARG D 54 33.54 6.28 6.27
C ARG D 54 32.28 6.78 5.57
N GLU D 55 32.39 7.85 4.80
CA GLU D 55 31.29 8.35 4.04
C GLU D 55 31.13 7.51 2.78
N LEU D 56 29.93 7.04 2.54
CA LEU D 56 29.65 6.30 1.34
C LEU D 56 28.50 6.99 0.64
N TYR D 57 28.72 7.43 -0.58
CA TYR D 57 27.67 8.08 -1.30
C TYR D 57 26.75 7.08 -2.01
N LEU D 58 25.71 6.69 -1.30
CA LEU D 58 24.75 5.75 -1.80
C LEU D 58 23.55 6.46 -2.41
N ILE D 59 22.61 5.71 -2.94
CA ILE D 59 21.46 6.28 -3.60
C ILE D 59 20.20 6.00 -2.78
N ASP D 60 19.49 7.05 -2.40
CA ASP D 60 18.37 6.93 -1.49
C ASP D 60 17.08 6.58 -2.22
N LYS D 61 15.99 6.45 -1.48
CA LYS D 61 14.74 5.89 -2.04
C LYS D 61 14.15 6.79 -3.13
N ASN D 62 14.55 8.05 -3.15
CA ASN D 62 14.04 9.02 -4.12
C ASN D 62 15.06 9.34 -5.22
N GLY D 63 16.17 8.61 -5.23
CA GLY D 63 17.13 8.68 -6.32
C GLY D 63 18.31 9.60 -6.07
N TYR D 64 18.41 10.17 -4.88
CA TYR D 64 19.45 11.14 -4.59
C TYR D 64 20.72 10.41 -4.21
N VAL D 65 21.84 10.93 -4.70
CA VAL D 65 23.14 10.53 -4.20
C VAL D 65 23.41 11.24 -2.87
N VAL D 66 23.65 10.45 -1.83
CA VAL D 66 23.65 10.96 -0.47
C VAL D 66 24.74 10.27 0.34
N ALA D 67 25.43 11.03 1.17
CA ALA D 67 26.41 10.48 2.09
C ALA D 67 25.69 9.67 3.15
N GLN D 68 26.27 8.52 3.45
CA GLN D 68 25.84 7.66 4.51
C GLN D 68 27.15 7.22 5.15
N THR D 69 27.43 7.68 6.35
CA THR D 69 28.64 7.31 7.04
C THR D 69 28.49 5.99 7.78
N LEU D 70 29.27 5.01 7.40
CA LEU D 70 29.18 3.71 7.98
C LEU D 70 30.51 3.22 8.50
N PRO D 71 30.48 2.32 9.47
CA PRO D 71 31.70 1.77 10.07
C PRO D 71 32.28 0.69 9.19
N LEU D 72 33.49 0.89 8.73
CA LEU D 72 34.13 -0.05 7.87
C LEU D 72 35.38 -0.65 8.49
N PRO D 73 35.68 -1.87 8.13
CA PRO D 73 36.88 -2.51 8.65
C PRO D 73 38.15 -1.68 8.38
N LYS D 74 39.04 -1.63 9.36
CA LYS D 74 40.37 -1.05 9.16
C LYS D 74 41.03 -1.68 7.94
N SER D 75 41.72 -0.86 7.15
CA SER D 75 42.21 -1.28 5.85
C SER D 75 43.52 -0.56 5.53
N GLU D 76 44.35 -1.19 4.71
CA GLU D 76 45.55 -0.55 4.19
C GLU D 76 45.39 -0.21 2.71
N SER D 77 44.16 -0.28 2.22
CA SER D 77 43.79 0.34 0.95
C SER D 77 42.45 1.07 1.09
N THR D 78 42.44 2.19 1.81
CA THR D 78 41.19 2.77 2.32
C THR D 78 40.34 3.40 1.20
N ALA D 79 40.99 4.10 0.28
CA ALA D 79 40.31 4.75 -0.83
C ALA D 79 39.68 3.70 -1.73
N LYS D 80 40.37 2.56 -1.86
CA LYS D 80 39.87 1.47 -2.68
C LYS D 80 38.76 0.73 -1.96
N GLN D 81 38.85 0.70 -0.63
CA GLN D 81 37.86 0.04 0.18
C GLN D 81 36.54 0.78 0.09
N ALA D 82 36.57 2.10 0.13
CA ALA D 82 35.39 2.90 0.03
C ALA D 82 34.61 2.56 -1.23
N LEU D 83 35.29 2.50 -2.36
CA LEU D 83 34.64 2.16 -3.60
C LEU D 83 34.09 0.75 -3.60
N GLU D 84 34.80 -0.17 -2.96
CA GLU D 84 34.35 -1.55 -2.88
C GLU D 84 33.05 -1.65 -2.10
N TYR D 85 32.85 -0.73 -1.19
CA TYR D 85 31.63 -0.68 -0.40
C TYR D 85 30.50 0.09 -1.09
N LEU D 86 30.68 0.37 -2.38
CA LEU D 86 29.59 0.89 -3.21
C LEU D 86 29.05 -0.20 -4.12
N VAL D 87 29.67 -1.38 -4.09
CA VAL D 87 29.37 -2.41 -5.08
C VAL D 87 28.11 -3.21 -4.70
N GLN D 88 27.17 -3.28 -5.63
CA GLN D 88 25.96 -4.10 -5.45
C GLN D 88 26.31 -5.54 -5.14
N GLY D 89 25.70 -6.09 -4.12
CA GLY D 89 25.92 -7.46 -3.70
C GLY D 89 27.19 -7.68 -2.92
N GLY D 90 27.95 -6.62 -2.70
CA GLY D 90 29.20 -6.72 -1.99
C GLY D 90 29.06 -6.56 -0.50
N PRO D 91 30.14 -6.19 0.18
CA PRO D 91 30.16 -6.01 1.63
C PRO D 91 29.21 -4.98 2.21
N VAL D 92 28.74 -4.02 1.44
CA VAL D 92 27.82 -3.05 1.95
C VAL D 92 26.40 -3.61 2.10
N SER D 93 26.09 -4.69 1.41
CA SER D 93 24.79 -5.31 1.44
C SER D 93 24.26 -5.54 2.83
N GLU D 94 25.13 -5.94 3.73
CA GLU D 94 24.75 -6.29 5.09
C GLU D 94 24.44 -5.06 5.95
N ILE D 95 25.01 -3.92 5.56
CA ILE D 95 24.92 -2.70 6.39
C ILE D 95 24.24 -1.56 5.63
N LEU D 96 23.59 -1.92 4.55
CA LEU D 96 22.92 -0.98 3.70
C LEU D 96 21.74 -0.40 4.46
N PRO D 97 21.76 0.90 4.70
CA PRO D 97 20.65 1.51 5.42
C PRO D 97 19.32 1.43 4.68
N ASN D 98 18.27 1.44 5.46
CA ASN D 98 16.91 1.38 4.99
C ASN D 98 16.63 2.41 3.94
N GLY D 99 16.13 1.94 2.81
CA GLY D 99 15.78 2.78 1.71
C GLY D 99 16.89 3.10 0.73
N PHE D 100 18.12 2.78 1.07
CA PHE D 100 19.24 3.08 0.20
C PHE D 100 19.66 1.89 -0.62
N ARG D 101 20.32 2.16 -1.72
CA ARG D 101 20.88 1.09 -2.53
C ARG D 101 22.31 1.37 -2.94
N ALA D 102 23.02 0.30 -3.30
CA ALA D 102 24.37 0.37 -3.79
C ALA D 102 24.41 1.06 -5.15
N VAL D 103 25.62 1.27 -5.67
CA VAL D 103 25.84 2.15 -6.80
C VAL D 103 26.50 1.42 -7.98
N LEU D 104 27.59 0.71 -7.70
CA LEU D 104 28.33 0.03 -8.76
C LEU D 104 27.72 -1.35 -9.03
N PRO D 105 27.80 -1.82 -10.28
CA PRO D 105 27.29 -3.14 -10.65
C PRO D 105 28.00 -4.26 -9.91
N ALA D 106 27.29 -5.37 -9.71
CA ALA D 106 27.85 -6.54 -9.03
C ALA D 106 29.18 -6.98 -9.65
N ASP D 107 30.14 -7.35 -8.80
CA ASP D 107 31.39 -7.95 -9.25
C ASP D 107 32.33 -6.94 -9.90
N THR D 108 32.02 -5.66 -9.77
CA THR D 108 32.96 -4.62 -10.14
C THR D 108 34.12 -4.61 -9.15
N THR D 109 35.34 -4.64 -9.68
CA THR D 109 36.53 -4.46 -8.87
C THR D 109 37.24 -3.19 -9.34
N VAL D 110 38.17 -2.69 -8.53
CA VAL D 110 38.78 -1.42 -8.83
C VAL D 110 40.20 -1.32 -8.26
N ASN D 111 41.09 -0.67 -9.00
CA ASN D 111 42.35 -0.14 -8.47
C ASN D 111 42.27 1.37 -8.33
N VAL D 112 42.88 1.91 -7.27
CA VAL D 112 42.93 3.35 -7.06
C VAL D 112 44.36 3.83 -6.94
N ASP D 113 44.74 4.75 -7.82
CA ASP D 113 46.09 5.29 -7.85
C ASP D 113 46.06 6.78 -7.55
N ILE D 114 46.53 7.14 -6.37
CA ILE D 114 46.47 8.52 -5.89
C ILE D 114 47.77 9.27 -6.23
N LYS D 115 47.64 10.31 -7.06
CA LYS D 115 48.80 11.06 -7.54
C LYS D 115 49.10 12.20 -6.59
N LYS D 116 50.26 12.85 -6.79
CA LYS D 116 50.77 13.82 -5.84
C LYS D 116 49.99 15.13 -5.92
N ASP D 117 49.43 15.41 -7.09
CA ASP D 117 48.67 16.64 -7.33
C ASP D 117 47.25 16.56 -6.74
N GLY D 118 46.90 15.42 -6.17
CA GLY D 118 45.59 15.24 -5.54
C GLY D 118 44.61 14.49 -6.41
N THR D 119 45.07 14.03 -7.57
CA THR D 119 44.22 13.29 -8.49
C THR D 119 44.21 11.82 -8.14
N ALA D 120 43.02 11.25 -7.99
CA ALA D 120 42.89 9.80 -7.80
C ALA D 120 42.37 9.17 -9.09
N ILE D 121 43.04 8.13 -9.54
CA ILE D 121 42.65 7.42 -10.75
C ILE D 121 41.98 6.12 -10.37
N ALA D 122 40.70 6.00 -10.70
CA ALA D 122 39.95 4.82 -10.36
C ALA D 122 39.81 3.94 -11.60
N ASP D 123 40.47 2.78 -11.57
CA ASP D 123 40.49 1.89 -12.73
C ASP D 123 39.60 0.70 -12.45
N PHE D 124 38.48 0.62 -13.15
CA PHE D 124 37.43 -0.35 -12.83
C PHE D 124 37.50 -1.54 -13.78
N SER D 125 37.02 -2.69 -13.32
CA SER D 125 36.89 -3.86 -14.17
C SER D 125 35.71 -3.67 -15.11
N ASN D 126 35.52 -4.62 -16.01
CA ASN D 126 34.56 -4.48 -17.10
C ASN D 126 33.12 -4.52 -16.63
N GLU D 127 32.90 -5.11 -15.45
CA GLU D 127 31.56 -5.14 -14.86
C GLU D 127 31.02 -3.73 -14.59
N PHE D 128 31.91 -2.75 -14.50
CA PHE D 128 31.53 -1.37 -14.30
C PHE D 128 30.51 -0.91 -15.33
N LYS D 129 30.48 -1.57 -16.49
CA LYS D 129 29.60 -1.19 -17.58
C LYS D 129 28.15 -1.65 -17.36
N ASN D 130 27.93 -2.51 -16.38
CA ASN D 130 26.65 -3.22 -16.25
C ASN D 130 25.64 -2.48 -15.38
N TYR D 131 25.42 -1.18 -15.63
CA TYR D 131 24.45 -0.41 -14.85
C TYR D 131 23.31 0.05 -15.77
N LYS D 132 22.20 0.49 -15.17
CA LYS D 132 21.11 1.06 -15.97
C LYS D 132 21.36 2.53 -16.30
N LYS D 133 20.95 2.91 -17.51
CA LYS D 133 21.26 4.22 -18.06
C LYS D 133 20.87 5.35 -17.12
N GLU D 134 19.74 5.20 -16.45
CA GLU D 134 19.22 6.26 -15.59
C GLU D 134 20.11 6.53 -14.38
N ASP D 135 21.01 5.62 -14.06
CA ASP D 135 21.92 5.82 -12.92
C ASP D 135 23.29 6.37 -13.31
N GLU D 136 23.49 6.64 -14.60
CA GLU D 136 24.81 6.98 -15.11
C GLU D 136 25.47 8.16 -14.36
N GLN D 137 24.73 9.25 -14.19
CA GLN D 137 25.29 10.43 -13.53
C GLN D 137 25.45 10.19 -12.04
N LYS D 138 24.55 9.40 -11.48
CA LYS D 138 24.62 9.07 -10.06
C LYS D 138 25.95 8.35 -9.75
N ILE D 139 26.33 7.44 -10.62
CA ILE D 139 27.54 6.66 -10.44
C ILE D 139 28.77 7.57 -10.47
N VAL D 140 28.82 8.49 -11.42
CA VAL D 140 29.94 9.42 -11.52
C VAL D 140 30.04 10.28 -10.27
N GLN D 141 28.91 10.77 -9.79
CA GLN D 141 28.89 11.65 -8.63
C GLN D 141 29.26 10.88 -7.36
N SER D 142 28.74 9.66 -7.24
CA SER D 142 29.00 8.83 -6.08
C SER D 142 30.50 8.54 -5.94
N VAL D 143 31.10 8.07 -7.03
CA VAL D 143 32.53 7.77 -7.02
C VAL D 143 33.34 9.02 -6.72
N THR D 144 32.94 10.14 -7.33
CA THR D 144 33.65 11.40 -7.16
C THR D 144 33.59 11.85 -5.70
N TRP D 145 32.41 11.83 -5.12
CA TRP D 145 32.23 12.37 -3.78
C TRP D 145 32.78 11.42 -2.73
N THR D 146 32.72 10.12 -3.01
CA THR D 146 33.29 9.12 -2.09
C THR D 146 34.82 9.24 -2.02
N LEU D 147 35.46 9.38 -3.18
CA LEU D 147 36.93 9.49 -3.20
C LEU D 147 37.42 10.81 -2.62
N THR D 148 36.69 11.90 -2.88
CA THR D 148 37.14 13.22 -2.48
C THR D 148 36.84 13.54 -1.02
N GLN D 149 36.27 12.59 -0.27
CA GLN D 149 36.13 12.76 1.18
C GLN D 149 37.48 12.82 1.87
N PHE D 150 38.50 12.24 1.24
CA PHE D 150 39.83 12.20 1.81
C PHE D 150 40.60 13.47 1.46
N SER D 151 41.37 13.99 2.41
CA SER D 151 42.03 15.28 2.22
C SER D 151 43.12 15.23 1.15
N SER D 152 43.60 14.04 0.83
CA SER D 152 44.66 13.87 -0.14
C SER D 152 44.12 13.68 -1.56
N ILE D 153 42.79 13.62 -1.69
CA ILE D 153 42.16 13.49 -3.00
C ILE D 153 41.15 14.62 -3.23
N ASP D 154 41.35 15.41 -4.28
CA ASP D 154 40.38 16.44 -4.63
C ASP D 154 39.94 16.41 -6.09
N LYS D 155 40.51 15.48 -6.85
CA LYS D 155 40.13 15.30 -8.26
C LYS D 155 40.12 13.82 -8.57
N VAL D 156 39.32 13.44 -9.54
CA VAL D 156 39.14 12.04 -9.87
C VAL D 156 39.16 11.85 -11.36
N LYS D 157 39.80 10.78 -11.79
CA LYS D 157 39.91 10.42 -13.16
C LYS D 157 39.47 8.99 -13.24
N LEU D 158 38.74 8.62 -14.28
CA LEU D 158 38.23 7.27 -14.40
C LEU D 158 38.78 6.46 -15.55
N ARG D 159 38.86 5.16 -15.33
CA ARG D 159 39.32 4.20 -16.30
C ARG D 159 38.58 2.90 -16.22
N ILE D 160 38.54 2.17 -17.31
CA ILE D 160 37.95 0.86 -17.33
C ILE D 160 38.98 -0.05 -17.98
N ASN D 161 39.46 -1.00 -17.20
CA ASN D 161 40.43 -1.98 -17.69
C ASN D 161 41.66 -1.29 -18.28
N GLY D 162 42.09 -0.21 -17.64
CA GLY D 162 43.32 0.46 -18.03
C GLY D 162 43.10 1.57 -19.05
N HIS D 163 41.96 1.54 -19.73
CA HIS D 163 41.64 2.51 -20.76
C HIS D 163 40.99 3.76 -20.16
N GLU D 164 41.44 4.92 -20.61
CA GLU D 164 40.89 6.20 -20.17
C GLU D 164 39.42 6.33 -20.56
N LEU D 165 38.70 6.70 -19.67
CA LEU D 165 37.27 6.91 -19.92
C LEU D 165 37.02 8.38 -20.25
N LYS D 166 36.53 8.75 -21.45
CA LYS D 166 36.13 10.09 -21.83
C LYS D 166 34.62 10.25 -21.74
N GLU D 167 33.91 9.13 -21.81
CA GLU D 167 32.47 9.15 -21.61
C GLU D 167 32.03 7.87 -20.93
N MET D 168 30.87 7.92 -20.26
CA MET D 168 30.36 6.75 -19.59
C MET D 168 29.77 5.80 -20.63
N PRO D 169 29.95 4.49 -20.42
CA PRO D 169 29.80 3.51 -21.51
C PRO D 169 28.35 3.34 -21.97
N VAL D 170 27.40 3.35 -21.04
CA VAL D 170 26.04 2.96 -21.37
C VAL D 170 25.27 4.06 -22.11
N GLY D 171 25.36 5.28 -21.61
CA GLY D 171 24.57 6.39 -22.12
C GLY D 171 25.38 7.52 -22.72
N GLY D 172 26.70 7.43 -22.58
CA GLY D 172 27.60 8.34 -23.29
C GLY D 172 27.80 9.68 -22.61
N THR D 173 27.41 9.79 -21.34
CA THR D 173 27.64 11.01 -20.59
C THR D 173 29.12 11.36 -20.62
N PRO D 174 29.46 12.55 -21.11
CA PRO D 174 30.86 12.96 -21.13
C PRO D 174 31.39 13.19 -19.73
N ILE D 175 32.60 12.73 -19.46
CA ILE D 175 33.27 13.02 -18.21
C ILE D 175 34.69 13.48 -18.50
N SER D 176 35.19 14.40 -17.69
CA SER D 176 36.57 14.86 -17.84
C SER D 176 37.52 13.96 -17.06
N ASP D 177 38.80 14.29 -17.13
CA ASP D 177 39.84 13.68 -16.30
C ASP D 177 40.00 14.45 -14.99
N ASP D 178 39.03 15.29 -14.67
CA ASP D 178 39.20 16.39 -13.73
C ASP D 178 38.03 16.41 -12.71
N LEU D 179 37.39 15.27 -12.52
CA LEU D 179 36.12 15.22 -11.78
C LEU D 179 36.31 15.66 -10.34
N SER D 180 35.49 16.57 -9.87
CA SER D 180 35.52 16.97 -8.48
C SER D 180 34.13 17.32 -7.95
N ARG D 181 34.09 17.73 -6.68
CA ARG D 181 32.85 18.11 -6.05
C ARG D 181 32.26 19.36 -6.69
N LYS D 182 33.10 20.09 -7.41
CA LYS D 182 32.66 21.31 -8.08
C LYS D 182 31.83 20.98 -9.32
N ASP D 183 31.83 19.73 -9.73
CA ASP D 183 31.02 19.31 -10.84
C ASP D 183 29.56 19.12 -10.40
N GLY D 184 29.28 19.34 -9.13
CA GLY D 184 27.93 19.24 -8.62
C GLY D 184 27.42 17.88 -8.24
N ILE D 185 26.24 17.84 -7.67
CA ILE D 185 25.61 16.62 -7.24
C ILE D 185 24.11 16.85 -7.19
N ASN D 186 23.33 15.87 -7.64
CA ASN D 186 21.88 15.92 -7.69
C ASN D 186 21.42 17.22 -8.31
N LEU D 187 21.95 17.54 -9.60
CA LEU D 187 21.63 18.78 -10.24
C LEU D 187 20.16 19.00 -10.47
N GLU D 188 19.80 20.21 -10.24
CA GLU D 188 18.46 20.66 -10.58
C GLU D 188 18.40 20.87 -12.08
N THR D 189 17.70 20.03 -12.78
CA THR D 189 17.65 20.14 -14.22
C THR D 189 16.27 20.35 -14.81
N ALA D 190 15.29 20.62 -13.99
CA ALA D 190 13.94 20.82 -14.50
C ALA D 190 13.79 22.14 -15.21
N GLY D 191 13.06 22.13 -16.31
CA GLY D 191 12.85 23.31 -17.10
C GLY D 191 14.02 23.69 -17.97
N VAL D 192 13.96 24.90 -18.50
CA VAL D 192 15.00 25.40 -19.35
C VAL D 192 16.02 26.15 -18.50
N ASN D 193 17.25 25.71 -18.55
CA ASN D 193 18.28 26.31 -17.77
C ASN D 193 19.36 26.90 -18.67
N ASP D 194 19.53 28.20 -18.55
CA ASP D 194 20.55 28.92 -19.31
C ASP D 194 21.86 28.88 -18.55
N LEU D 195 22.77 28.01 -19.00
CA LEU D 195 24.04 27.82 -18.30
C LEU D 195 25.02 28.96 -18.58
N THR D 196 24.70 29.81 -19.56
CA THR D 196 25.52 31.00 -19.82
C THR D 196 25.21 32.11 -18.84
N ALA D 197 24.02 32.05 -18.24
CA ALA D 197 23.53 33.12 -17.40
C ALA D 197 23.62 32.80 -15.92
N THR D 198 24.02 31.56 -15.59
CA THR D 198 23.99 31.09 -14.21
C THR D 198 25.25 30.33 -13.86
N HIS D 199 25.50 30.17 -12.55
CA HIS D 199 26.60 29.33 -12.09
C HIS D 199 26.10 28.34 -11.03
N PRO D 200 26.76 27.18 -10.91
CA PRO D 200 26.32 26.14 -10.00
C PRO D 200 26.64 26.49 -8.56
N LEU D 201 25.77 26.11 -7.64
CA LEU D 201 26.03 26.25 -6.21
C LEU D 201 25.34 25.13 -5.42
N THR D 202 26.10 24.43 -4.60
CA THR D 202 25.58 23.28 -3.87
C THR D 202 24.98 23.71 -2.54
N VAL D 203 23.76 23.24 -2.28
CA VAL D 203 23.01 23.62 -1.09
C VAL D 203 22.43 22.36 -0.44
N TYR D 204 22.46 22.27 0.89
CA TYR D 204 21.98 21.08 1.59
C TYR D 204 20.53 21.24 2.07
N TYR D 205 19.71 20.27 1.73
CA TYR D 205 18.35 20.20 2.23
C TYR D 205 18.19 18.93 3.06
N LEU D 206 16.98 18.71 3.58
CA LEU D 206 16.73 17.57 4.46
C LEU D 206 15.81 16.55 3.81
N ALA D 207 16.12 15.28 4.01
CA ALA D 207 15.18 14.19 3.72
C ALA D 207 14.99 13.32 4.96
N GLU D 208 13.90 12.48 4.98
CA GLU D 208 13.67 11.51 6.07
C GLU D 208 13.40 10.11 5.51
N ASN D 209 13.90 9.09 6.20
CA ASN D 209 13.50 7.72 5.92
C ASN D 209 12.90 7.07 7.16
N GLU D 210 12.63 5.79 7.15
CA GLU D 210 12.04 5.04 8.25
C GLU D 210 12.62 5.44 9.59
N ASP D 211 13.99 5.36 9.62
CA ASP D 211 14.67 5.71 10.86
C ASP D 211 14.51 7.21 11.12
N SER D 212 15.22 8.04 10.35
CA SER D 212 15.36 9.44 10.71
C SER D 212 15.77 10.33 9.54
N GLU D 213 16.53 11.39 9.81
CA GLU D 213 16.72 12.49 8.88
C GLU D 213 18.18 12.53 8.41
N TYR D 214 18.37 12.98 7.17
CA TYR D 214 19.71 13.12 6.64
C TYR D 214 19.80 14.28 5.66
N TYR D 215 21.03 14.71 5.39
CA TYR D 215 21.26 15.92 4.63
C TYR D 215 21.65 15.60 3.19
N VAL D 216 20.89 16.17 2.26
CA VAL D 216 21.04 15.90 0.84
C VAL D 216 21.54 17.15 0.12
N PRO D 217 22.69 17.03 -0.54
CA PRO D 217 23.24 18.16 -1.28
C PRO D 217 22.60 18.25 -2.67
N VAL D 218 22.25 19.47 -3.06
CA VAL D 218 21.65 19.70 -4.36
C VAL D 218 22.35 20.88 -5.04
N THR D 219 22.78 20.69 -6.28
CA THR D 219 23.40 21.79 -7.01
C THR D 219 22.37 22.61 -7.75
N LYS D 220 22.27 23.88 -7.38
CA LYS D 220 21.30 24.79 -7.99
C LYS D 220 21.98 25.73 -8.99
N ARG D 221 21.19 26.39 -9.84
CA ARG D 221 21.71 27.43 -10.71
C ARG D 221 21.48 28.79 -10.08
N ILE D 222 22.56 29.55 -9.91
CA ILE D 222 22.46 30.91 -9.37
C ILE D 222 22.73 31.94 -10.47
N ASP D 223 21.92 32.98 -10.52
CA ASP D 223 22.09 34.04 -11.51
C ASP D 223 23.45 34.69 -11.39
N ASN D 224 24.11 34.90 -12.53
CA ASN D 224 25.49 35.39 -12.53
C ASN D 224 25.60 36.83 -12.03
N SER D 225 24.49 37.55 -12.03
CA SER D 225 24.45 38.89 -11.45
C SER D 225 24.69 38.86 -9.94
N GLU D 226 24.40 37.73 -9.31
CA GLU D 226 24.75 37.53 -7.89
C GLU D 226 26.21 37.15 -7.74
N LYS D 227 26.97 38.06 -7.13
CA LYS D 227 28.40 37.87 -6.95
C LYS D 227 28.73 37.38 -5.55
N ASP D 228 27.74 37.35 -4.67
CA ASP D 228 27.94 36.91 -3.29
C ASP D 228 27.27 35.55 -3.08
N ASP D 229 28.06 34.49 -3.10
CA ASP D 229 27.49 33.14 -3.08
C ASP D 229 27.13 32.69 -1.66
N ILE D 230 27.65 33.41 -0.66
CA ILE D 230 27.25 33.15 0.72
C ILE D 230 25.80 33.58 0.91
N THR D 231 25.50 34.80 0.49
CA THR D 231 24.13 35.29 0.51
C THR D 231 23.21 34.46 -0.39
N ALA D 232 23.67 34.13 -1.59
CA ALA D 232 22.88 33.31 -2.49
C ALA D 232 22.51 31.96 -1.86
N ALA D 233 23.50 31.30 -1.26
CA ALA D 233 23.28 30.04 -0.55
C ALA D 233 22.21 30.17 0.54
N ILE D 234 22.32 31.22 1.36
CA ILE D 234 21.35 31.46 2.43
C ILE D 234 19.96 31.67 1.86
N ASN D 235 19.88 32.47 0.79
CA ASN D 235 18.58 32.74 0.18
C ASN D 235 17.98 31.46 -0.39
N GLU D 236 18.82 30.59 -0.94
CA GLU D 236 18.31 29.32 -1.48
C GLU D 236 17.85 28.40 -0.36
N LEU D 237 18.54 28.43 0.78
CA LEU D 237 18.10 27.67 1.95
C LEU D 237 16.73 28.13 2.44
N ALA D 238 16.50 29.43 2.42
CA ALA D 238 15.21 30.01 2.81
C ALA D 238 14.10 29.69 1.82
N LYS D 239 14.43 29.70 0.53
CA LYS D 239 13.46 29.37 -0.50
C LYS D 239 13.05 27.91 -0.45
N GLY D 240 14.00 27.04 -0.10
CA GLY D 240 13.74 25.63 -0.01
C GLY D 240 14.00 24.93 -1.33
N PRO D 241 13.83 23.61 -1.35
CA PRO D 241 14.05 22.83 -2.57
C PRO D 241 12.88 22.95 -3.54
N SER D 242 13.03 22.37 -4.73
CA SER D 242 11.92 22.20 -5.65
C SER D 242 10.74 21.53 -4.95
N LYS D 243 9.54 21.81 -5.45
CA LYS D 243 8.35 21.21 -4.91
C LYS D 243 8.24 19.75 -5.34
N VAL D 244 7.72 18.94 -4.43
CA VAL D 244 7.52 17.51 -4.67
C VAL D 244 8.86 16.84 -5.02
N SER D 245 9.92 17.23 -4.30
CA SER D 245 11.28 16.74 -4.58
C SER D 245 11.72 15.66 -3.57
N GLY D 246 10.90 15.46 -2.55
CA GLY D 246 11.23 14.54 -1.49
C GLY D 246 12.10 15.18 -0.44
N LEU D 247 12.31 16.49 -0.56
CA LEU D 247 13.23 17.22 0.32
C LEU D 247 12.49 18.33 1.02
N LEU D 248 13.08 18.83 2.11
CA LEU D 248 12.54 20.02 2.76
C LEU D 248 13.65 20.90 3.27
N THR D 249 13.30 22.12 3.65
CA THR D 249 14.19 22.97 4.45
C THR D 249 13.49 23.31 5.76
N ASP D 250 14.25 23.43 6.83
CA ASP D 250 13.69 23.86 8.10
C ASP D 250 13.76 25.38 8.25
N PHE D 251 14.27 26.06 7.24
CA PHE D 251 14.23 27.52 7.19
C PHE D 251 12.81 28.01 7.02
N SER D 252 12.49 29.09 7.71
CA SER D 252 11.33 29.90 7.33
C SER D 252 11.66 30.67 6.05
N GLU D 253 10.66 30.79 5.19
CA GLU D 253 10.71 31.62 3.98
C GLU D 253 11.26 33.03 4.21
N ASP D 254 10.96 33.58 5.39
CA ASP D 254 11.15 35.00 5.66
C ASP D 254 12.59 35.29 6.10
N VAL D 255 13.37 34.25 6.28
CA VAL D 255 14.75 34.41 6.72
C VAL D 255 15.53 35.26 5.72
N LYS D 256 16.22 36.26 6.23
CA LYS D 256 17.12 37.10 5.42
C LYS D 256 18.36 37.42 6.23
N LEU D 257 19.47 37.68 5.54
CA LEU D 257 20.61 38.33 6.14
C LEU D 257 20.32 39.82 6.27
N VAL D 258 20.72 40.42 7.39
CA VAL D 258 20.47 41.83 7.64
C VAL D 258 21.73 42.68 7.48
N SER D 259 22.89 42.03 7.40
CA SER D 259 24.08 42.70 6.90
C SER D 259 24.84 41.79 5.94
N LYS D 260 25.74 42.38 5.16
CA LYS D 260 26.61 41.61 4.28
C LYS D 260 27.42 40.62 5.09
N PRO D 261 27.49 39.37 4.61
CA PRO D 261 28.33 38.38 5.28
C PRO D 261 29.76 38.85 5.36
N LYS D 262 30.45 38.50 6.43
CA LYS D 262 31.87 38.76 6.53
C LYS D 262 32.62 37.44 6.57
N ILE D 263 33.83 37.43 6.02
CA ILE D 263 34.70 36.29 6.16
C ILE D 263 36.09 36.75 6.54
N LYS D 264 36.70 36.03 7.47
CA LYS D 264 38.04 36.36 7.93
C LYS D 264 38.71 35.08 8.40
N ASP D 265 39.78 34.70 7.72
CA ASP D 265 40.53 33.48 8.07
C ASP D 265 39.64 32.24 7.99
N GLY D 266 38.74 32.20 7.01
CA GLY D 266 37.91 31.02 6.77
C GLY D 266 36.68 30.95 7.65
N ARG D 267 36.52 31.96 8.51
CA ARG D 267 35.37 32.04 9.41
C ARG D 267 34.35 33.00 8.82
N VAL D 268 33.16 32.49 8.54
CA VAL D 268 32.09 33.29 8.00
C VAL D 268 31.18 33.75 9.13
N THR D 269 30.82 35.03 9.11
CA THR D 269 29.91 35.58 10.08
C THR D 269 28.62 35.99 9.40
N LEU D 270 27.51 35.38 9.84
CA LEU D 270 26.21 35.68 9.29
C LEU D 270 25.41 36.49 10.30
N ASP D 271 24.62 37.43 9.79
CA ASP D 271 23.75 38.23 10.63
C ASP D 271 22.33 38.08 10.13
N PHE D 272 21.48 37.39 10.89
CA PHE D 272 20.13 37.05 10.45
C PHE D 272 19.09 38.01 11.02
N ASN D 273 17.92 38.05 10.39
CA ASN D 273 16.74 38.60 11.05
C ASN D 273 16.12 37.58 11.99
N GLN D 274 15.01 37.95 12.61
CA GLN D 274 14.46 37.17 13.72
C GLN D 274 13.83 35.87 13.23
N SER D 275 13.54 35.80 11.94
CA SER D 275 12.88 34.63 11.37
C SER D 275 13.76 33.38 11.42
N ILE D 276 15.05 33.55 11.70
CA ILE D 276 15.96 32.42 11.85
C ILE D 276 15.58 31.52 13.04
N PHE D 277 14.76 32.04 13.95
CA PHE D 277 14.18 31.24 15.04
C PHE D 277 12.89 30.53 14.62
N GLY D 278 12.32 30.90 13.48
CA GLY D 278 11.12 30.24 12.96
C GLY D 278 9.94 30.36 13.90
N LYS D 285 14.28 32.05 20.48
CA LYS D 285 15.68 32.19 20.83
C LYS D 285 16.47 30.94 20.43
N MET D 286 15.75 29.90 20.01
CA MET D 286 16.37 28.65 19.60
C MET D 286 16.53 28.60 18.08
N ILE D 287 17.72 28.23 17.63
CA ILE D 287 17.92 27.90 16.22
C ILE D 287 18.02 26.39 16.07
N SER D 288 17.25 25.83 15.16
CA SER D 288 17.18 24.38 15.05
C SER D 288 18.47 23.79 14.50
N SER D 289 18.71 22.53 14.86
CA SER D 289 19.86 21.78 14.36
C SER D 289 19.83 21.65 12.84
N GLU D 290 18.63 21.52 12.29
CA GLU D 290 18.47 21.32 10.85
C GLU D 290 18.88 22.59 10.13
N VAL D 291 18.54 23.74 10.69
CA VAL D 291 18.91 25.03 10.11
C VAL D 291 20.42 25.21 10.21
N LEU D 292 20.96 24.97 11.40
CA LEU D 292 22.39 25.20 11.64
C LEU D 292 23.28 24.24 10.83
N ASN D 293 22.94 22.95 10.84
CA ASN D 293 23.69 21.97 10.04
C ASN D 293 23.61 22.24 8.53
N SER D 294 22.43 22.62 8.05
CA SER D 294 22.24 23.01 6.66
C SER D 294 23.14 24.18 6.30
N ILE D 295 23.17 25.20 7.13
CA ILE D 295 24.04 26.35 6.90
C ILE D 295 25.49 25.91 6.79
N VAL D 296 25.94 25.13 7.75
CA VAL D 296 27.36 24.82 7.88
C VAL D 296 27.80 23.87 6.76
N LEU D 297 26.99 22.86 6.48
CA LEU D 297 27.32 21.94 5.40
C LEU D 297 27.34 22.69 4.05
N THR D 298 26.42 23.62 3.87
CA THR D 298 26.28 24.34 2.62
C THR D 298 27.47 25.29 2.41
N LEU D 299 27.74 26.09 3.43
CA LEU D 299 28.77 27.11 3.33
C LEU D 299 30.18 26.52 3.25
N THR D 300 30.43 25.42 3.97
CA THR D 300 31.75 24.81 3.94
C THR D 300 32.01 23.99 2.67
N GLU D 301 31.06 23.98 1.74
CA GLU D 301 31.32 23.48 0.38
C GLU D 301 32.02 24.55 -0.46
N GLN D 302 31.86 25.82 -0.07
CA GLN D 302 32.42 26.92 -0.80
C GLN D 302 33.90 27.08 -0.52
N PRO D 303 34.64 27.64 -1.48
CA PRO D 303 36.07 27.79 -1.31
C PRO D 303 36.42 28.64 -0.11
N ASP D 304 37.36 28.12 0.67
CA ASP D 304 37.94 28.70 1.88
C ASP D 304 37.11 28.79 3.14
N VAL D 305 35.84 28.41 3.10
CA VAL D 305 35.03 28.50 4.28
C VAL D 305 35.32 27.31 5.18
N LYS D 306 35.66 27.55 6.44
CA LYS D 306 35.99 26.48 7.39
C LYS D 306 35.04 26.45 8.58
N SER D 307 34.47 27.61 8.92
CA SER D 307 33.57 27.68 10.07
C SER D 307 32.58 28.82 9.93
N VAL D 308 31.49 28.76 10.71
CA VAL D 308 30.41 29.75 10.60
C VAL D 308 30.01 30.24 11.98
N SER D 309 30.03 31.56 12.15
CA SER D 309 29.43 32.20 13.32
C SER D 309 28.10 32.84 12.92
N VAL D 310 27.10 32.68 13.77
CA VAL D 310 25.78 33.22 13.47
C VAL D 310 25.39 34.27 14.51
N LYS D 311 24.84 35.37 14.03
CA LYS D 311 24.20 36.35 14.89
C LYS D 311 22.79 36.59 14.41
N VAL D 312 21.97 37.17 15.27
CA VAL D 312 20.67 37.69 14.85
C VAL D 312 20.57 39.17 15.23
N ASN D 313 20.39 40.01 14.22
CA ASN D 313 20.37 41.46 14.38
C ASN D 313 21.51 41.94 15.25
N GLY D 314 22.71 41.46 14.97
CA GLY D 314 23.89 41.90 15.68
C GLY D 314 24.35 41.15 16.90
N LYS D 315 23.48 40.36 17.50
CA LYS D 315 23.88 39.70 18.70
C LYS D 315 23.93 38.19 18.67
N SER D 316 24.69 37.59 19.57
CA SER D 316 24.75 36.16 19.63
C SER D 316 23.80 35.62 20.71
N GLU D 317 22.54 35.98 20.57
CA GLU D 317 21.53 35.58 21.52
C GLU D 317 20.88 34.25 21.15
N LEU D 318 21.66 33.21 20.80
CA LEU D 318 21.03 31.93 20.43
C LEU D 318 21.47 30.69 21.19
N VAL D 319 20.61 29.67 21.12
CA VAL D 319 20.85 28.36 21.71
C VAL D 319 20.43 27.33 20.68
N ASN D 320 20.97 26.14 20.79
CA ASN D 320 20.66 25.09 19.84
C ASN D 320 19.46 24.28 20.30
N GLU D 321 19.15 23.21 19.57
CA GLU D 321 17.89 22.49 19.72
C GLU D 321 17.84 21.73 21.03
N LYS D 322 19.01 21.36 21.53
CA LYS D 322 19.09 20.59 22.76
C LYS D 322 19.37 21.51 23.94
N GLY D 323 19.23 22.82 23.73
CA GLY D 323 19.29 23.80 24.82
C GLY D 323 20.69 24.19 25.26
N GLU D 324 21.50 24.66 24.32
CA GLU D 324 22.88 25.02 24.63
C GLU D 324 23.28 26.30 23.89
N GLU D 328 30.25 30.29 19.50
CA GLU D 328 31.50 30.03 18.80
C GLU D 328 31.24 29.50 17.38
N PRO D 329 32.14 29.82 16.45
CA PRO D 329 32.03 29.39 15.05
C PRO D 329 31.81 27.89 14.95
N VAL D 330 30.88 27.48 14.09
CA VAL D 330 30.58 26.07 13.90
C VAL D 330 31.33 25.51 12.69
N SER D 331 32.07 24.43 12.91
CA SER D 331 32.83 23.79 11.84
C SER D 331 32.06 22.63 11.22
N ARG D 332 32.46 22.22 10.02
CA ARG D 332 31.80 21.13 9.33
C ARG D 332 31.86 19.85 10.15
N PRO D 333 30.72 19.15 10.29
CA PRO D 333 30.71 17.86 10.97
C PRO D 333 31.79 16.92 10.45
N SER D 334 32.40 16.15 11.36
CA SER D 334 33.37 15.13 10.97
C SER D 334 32.68 14.05 10.12
N GLN D 335 31.50 13.64 10.56
CA GLN D 335 30.79 12.54 9.93
C GLN D 335 29.42 13.00 9.45
N VAL D 336 29.29 13.10 8.14
CA VAL D 336 28.04 13.52 7.51
C VAL D 336 27.07 12.33 7.41
N ASN D 337 25.90 12.47 8.05
CA ASN D 337 24.82 11.50 7.92
C ASN D 337 25.24 10.12 8.43
N THR D 338 25.49 10.01 9.72
CA THR D 338 25.68 8.70 10.35
C THR D 338 24.54 7.74 10.01
N GLY D 339 24.89 6.64 9.34
CA GLY D 339 23.88 5.71 8.81
C GLY D 339 23.44 4.70 9.86
N SER D 340 22.24 4.15 9.68
CA SER D 340 21.65 3.24 10.65
C SER D 340 21.51 1.82 10.09
C ACT E . 7.22 -23.71 25.47
O ACT E . 7.61 -24.70 26.12
OXT ACT E . 6.38 -22.88 25.92
CH3 ACT E . 7.78 -23.51 24.09
C ACT F . -40.02 3.35 6.76
O ACT F . -40.87 2.51 6.41
OXT ACT F . -40.00 3.80 7.92
CH3 ACT F . -38.97 3.84 5.80
C ACT G . 5.13 -15.24 29.17
O ACT G . 4.44 -15.39 30.17
OXT ACT G . 4.70 -14.61 28.20
CH3 ACT G . 6.25 -16.18 28.95
C1 EDO H . -1.65 -33.49 30.88
O1 EDO H . -3.07 -33.48 31.08
C2 EDO H . -1.32 -34.03 29.48
O2 EDO H . -0.06 -33.50 29.03
C1 EDO I . -11.46 -12.95 32.51
O1 EDO I . -12.70 -12.59 33.15
C2 EDO I . -10.41 -13.29 33.56
O2 EDO I . -9.12 -13.43 32.92
C ACT J . -3.33 -17.42 -34.87
O ACT J . -3.55 -18.34 -34.06
OXT ACT J . -2.50 -16.52 -34.64
CH3 ACT J . -4.12 -17.35 -36.12
C ACT K . 17.56 -17.91 16.56
O ACT K . 16.90 -18.44 17.47
OXT ACT K . 18.31 -18.58 15.84
CH3 ACT K . 17.40 -16.44 16.30
C ACT L . 5.94 -7.31 -34.50
O ACT L . 5.20 -8.25 -34.85
OXT ACT L . 5.50 -6.16 -34.33
CH3 ACT L . 7.39 -7.57 -34.31
C1 EDO M . -11.08 -13.71 -33.44
O1 EDO M . -11.88 -12.52 -33.56
C2 EDO M . -11.94 -14.94 -33.70
O2 EDO M . -11.35 -16.08 -33.05
C1 EDO N . 28.56 -21.01 2.64
O1 EDO N . 27.82 -19.97 3.29
C2 EDO N . 29.19 -21.91 3.70
O2 EDO N . 28.30 -22.04 4.81
C ACT O . -2.71 9.47 -38.76
O ACT O . -3.83 9.36 -39.25
OXT ACT O . -2.02 10.48 -38.94
CH3 ACT O . -2.09 8.29 -38.11
C1 EDO P . -14.18 33.08 -7.06
O1 EDO P . -14.63 32.01 -7.88
C2 EDO P . -14.61 32.79 -5.65
O2 EDO P . -14.25 33.87 -4.80
C ACT Q . 13.92 41.56 12.28
O ACT Q . 14.15 40.77 13.23
OXT ACT Q . 12.76 41.72 11.83
CH3 ACT Q . 15.05 42.34 11.67
C ACT R . 52.76 11.03 -9.11
O ACT R . 52.90 10.04 -9.85
OXT ACT R . 52.73 10.92 -7.86
CH3 ACT R . 52.63 12.39 -9.72
C ACT S . 49.22 6.91 -15.60
O ACT S . 49.11 5.70 -15.49
OXT ACT S . 49.55 7.63 -14.67
CH3 ACT S . 49.46 7.45 -16.95
C1 EDO T . 40.91 -3.89 -13.19
O1 EDO T . 41.28 -2.80 -14.04
C2 EDO T . 40.57 -3.36 -11.80
O2 EDO T . 40.09 -4.42 -10.96
#